data_9G5O
#
_entry.id   9G5O
#
_cell.length_a   56.610
_cell.length_b   139.760
_cell.length_c   144.860
_cell.angle_alpha   90.00
_cell.angle_beta   90.00
_cell.angle_gamma   90.00
#
_symmetry.space_group_name_H-M   'P 21 21 21'
#
loop_
_entity.id
_entity.type
_entity.pdbx_description
1 polymer 'UDP-N-acetylglucosamine diphosphorylase'
2 polymer 'UDP-N-acetylglucosamine diphosphorylase'
3 non-polymer 4-(2-hydroxyethyl)phenol
4 non-polymer 2-acetamido-2-deoxy-1-O-phosphono-alpha-D-glucopyranose
5 non-polymer 'PHOSPHATE ION'
6 water water
#
loop_
_entity_poly.entity_id
_entity_poly.type
_entity_poly.pdbx_seq_one_letter_code
_entity_poly.pdbx_strand_id
1 'polypeptide(L)'
;GPSAEEFQQLRKKYTDAGQGHVFAFVDELQTGERSQLFHQLSSFDPVRINELADKALNPPKADDGPASLEPLPDIATASI
LDSDPKDLEQWYEEGLKLVAGNKVAVVLMAGGQGTRLGSSAPKGCFDIGLPSHKSLFQIQAERIAKLQLLAQRISGKEAV
IPWYVMTSGPTRKPTEEFFEQHKYFGLNKSDVIIFEQGVLPCISNEGKILMESKFKVAVAPDGNGGIYQALLTSGVREDM
RKRGIEHIHTY(YCM)VDNCLVKVADPVFIGFAASKQVDIATKVVRKRNATESVGLILQKNGKPDVVEYSEIDKETAEAK
DPKQPDVLKFRAANIVNHYYSFKFFESIELWAHKLPHHVARKKIPCIKEGTGEFFKPEKPNGIKLEQFVFDVFPMTPLEK
FACIEVRREDEFSPLKNARGTGEDDPDTSKRDIMSQGQRWIEKAGGIVITEGDVVGVEVSPLISYGGEGLEFLKGREIKA
PAFIEKEE
;
B
2 'polypeptide(L)'
;GPSAEEFQQLRKKYTDAGQGHVFAFVDELQTGERSQLFHQLSSFDPVRINELADKALNPPKADDGPASLEPLPDIATASI
LDSDPKDLEQWYEEGLKLVAGNKVAVVLMAGGQGTRLGSSAPKGCFDIGLPSHKSLFQIQAERIAKLQLLAQRISGKEAV
IPWYVMTSGPTRKPTEEFFEQHKYFGLNKSDVIIFEQGVLPCISNEGKILMESKFKVAVAPDGNGGIYQALLTSGVREDM
RKRGIEHIHTYCVDNCLVKVADPVFIGFAASKQVDIATKVVRKRNATESVGLILQKNGKPDVVEYSEIDKETAEAKDPKQ
PDVLKFRAANIVNHYYSFKFFESIELWAHKLPHHVARKKIPCIKEGTGEFFKPEKPNGIKLEQFVFDVFPMTPLEKFACI
EVRREDEFSPLKNARGTGEDDPDTSKRDIMSQGQRWIEKAGGIVITEGDVVGVEVSPLISYGGEGLEFLKGREIKAPAFI
EKEE
;
A
#
loop_
_chem_comp.id
_chem_comp.type
_chem_comp.name
_chem_comp.formula
GN1 D-saccharide 2-acetamido-2-deoxy-1-O-phosphono-alpha-D-glucopyranose 'C8 H16 N O9 P'
PO4 non-polymer 'PHOSPHATE ION' 'O4 P -3'
YRL non-polymer 4-(2-hydroxyethyl)phenol 'C8 H10 O2'
#
# COMPACT_ATOMS: atom_id res chain seq x y z
N GLY A 1 1.63 -22.87 -10.97
CA GLY A 1 1.56 -21.75 -11.93
C GLY A 1 1.15 -22.23 -13.32
N PRO A 2 1.13 -21.32 -14.33
CA PRO A 2 0.65 -21.66 -15.67
C PRO A 2 1.39 -22.84 -16.31
N SER A 3 0.63 -23.73 -16.97
CA SER A 3 1.22 -24.83 -17.72
C SER A 3 2.07 -24.32 -18.90
N ALA A 4 2.94 -25.21 -19.40
CA ALA A 4 3.67 -24.98 -20.64
C ALA A 4 2.72 -24.70 -21.79
N GLU A 5 1.61 -25.44 -21.86
CA GLU A 5 0.71 -25.29 -22.99
C GLU A 5 0.01 -23.92 -22.96
N GLU A 6 -0.48 -23.50 -21.78
CA GLU A 6 -1.08 -22.19 -21.57
C GLU A 6 -0.08 -21.09 -21.94
N PHE A 7 1.17 -21.26 -21.50
CA PHE A 7 2.19 -20.24 -21.75
C PHE A 7 2.49 -20.17 -23.25
N GLN A 8 2.54 -21.32 -23.95
CA GLN A 8 2.84 -21.29 -25.36
CA GLN A 8 2.77 -21.41 -25.38
C GLN A 8 1.67 -20.67 -26.13
N GLN A 9 0.42 -20.91 -25.72
CA GLN A 9 -0.69 -20.32 -26.42
C GLN A 9 -0.68 -18.79 -26.28
N LEU A 10 -0.36 -18.30 -25.07
CA LEU A 10 -0.20 -16.86 -24.87
C LEU A 10 0.94 -16.31 -25.74
N ARG A 11 2.07 -17.00 -25.78
CA ARG A 11 3.23 -16.55 -26.51
C ARG A 11 2.90 -16.46 -28.01
N LYS A 12 2.15 -17.43 -28.52
CA LYS A 12 1.76 -17.43 -29.91
C LYS A 12 0.89 -16.21 -30.25
N LYS A 13 -0.11 -15.89 -29.40
CA LYS A 13 -0.96 -14.74 -29.61
C LYS A 13 -0.15 -13.45 -29.69
N TYR A 14 0.78 -13.28 -28.75
CA TYR A 14 1.56 -12.06 -28.68
C TYR A 14 2.55 -11.99 -29.84
N THR A 15 3.14 -13.12 -30.18
CA THR A 15 4.09 -13.17 -31.31
C THR A 15 3.40 -12.92 -32.66
N ASP A 16 2.28 -13.57 -32.94
CA ASP A 16 1.46 -13.28 -34.10
C ASP A 16 1.11 -11.79 -34.21
N ALA A 17 0.92 -11.10 -33.07
CA ALA A 17 0.57 -9.69 -33.03
C ALA A 17 1.77 -8.75 -33.14
N GLY A 18 2.96 -9.31 -33.37
CA GLY A 18 4.15 -8.49 -33.45
C GLY A 18 4.59 -7.92 -32.10
N GLN A 19 4.24 -8.59 -31.01
CA GLN A 19 4.63 -8.14 -29.68
C GLN A 19 5.44 -9.21 -28.95
N GLY A 20 6.17 -10.08 -29.67
CA GLY A 20 6.84 -11.20 -29.04
C GLY A 20 8.05 -10.82 -28.20
N HIS A 21 8.49 -9.56 -28.30
CA HIS A 21 9.60 -9.07 -27.52
C HIS A 21 9.29 -9.08 -26.02
N VAL A 22 8.01 -9.11 -25.64
CA VAL A 22 7.64 -9.13 -24.21
C VAL A 22 8.20 -10.40 -23.52
N PHE A 23 8.60 -11.40 -24.32
CA PHE A 23 9.13 -12.66 -23.80
C PHE A 23 10.63 -12.80 -23.95
N ALA A 24 11.32 -11.71 -24.29
CA ALA A 24 12.76 -11.71 -24.52
C ALA A 24 13.51 -12.29 -23.33
N PHE A 25 13.04 -12.07 -22.10
CA PHE A 25 13.81 -12.50 -20.95
C PHE A 25 13.17 -13.68 -20.22
N VAL A 26 12.27 -14.43 -20.85
CA VAL A 26 11.55 -15.50 -20.15
C VAL A 26 12.56 -16.52 -19.60
N ASP A 27 13.59 -16.88 -20.37
CA ASP A 27 14.50 -17.95 -19.97
C ASP A 27 15.19 -17.68 -18.64
N GLU A 28 15.32 -16.41 -18.21
CA GLU A 28 16.02 -16.15 -16.97
C GLU A 28 15.07 -15.82 -15.82
N LEU A 29 13.75 -15.90 -16.03
CA LEU A 29 12.86 -15.54 -14.94
C LEU A 29 12.74 -16.69 -13.97
N GLN A 30 12.58 -16.32 -12.70
CA GLN A 30 12.14 -17.22 -11.63
C GLN A 30 10.67 -17.60 -11.85
N THR A 31 10.21 -18.66 -11.17
CA THR A 31 8.85 -19.16 -11.31
C THR A 31 7.80 -18.07 -11.04
N GLY A 32 8.02 -17.29 -9.98
CA GLY A 32 7.10 -16.23 -9.61
C GLY A 32 7.04 -15.16 -10.69
N GLU A 33 8.22 -14.74 -11.16
CA GLU A 33 8.32 -13.68 -12.17
C GLU A 33 7.63 -14.12 -13.45
N ARG A 34 7.84 -15.40 -13.83
CA ARG A 34 7.21 -15.97 -15.00
C ARG A 34 5.68 -15.96 -14.84
N SER A 35 5.18 -16.31 -13.64
CA SER A 35 3.76 -16.27 -13.35
C SER A 35 3.17 -14.87 -13.51
N GLN A 36 3.86 -13.89 -12.93
CA GLN A 36 3.41 -12.50 -13.04
C GLN A 36 3.24 -12.13 -14.53
N LEU A 37 4.28 -12.38 -15.31
CA LEU A 37 4.29 -11.96 -16.72
C LEU A 37 3.14 -12.64 -17.42
N PHE A 38 2.98 -13.94 -17.19
CA PHE A 38 1.89 -14.68 -17.81
C PHE A 38 0.52 -14.04 -17.53
N HIS A 39 0.19 -13.83 -16.25
CA HIS A 39 -1.10 -13.29 -15.88
C HIS A 39 -1.32 -11.86 -16.36
N GLN A 40 -0.28 -11.04 -16.25
CA GLN A 40 -0.41 -9.67 -16.72
C GLN A 40 -0.66 -9.65 -18.23
N LEU A 41 0.14 -10.37 -19.00
CA LEU A 41 -0.07 -10.37 -20.44
C LEU A 41 -1.44 -10.94 -20.80
N SER A 42 -1.91 -11.95 -20.05
CA SER A 42 -3.20 -12.55 -20.28
C SER A 42 -4.34 -11.53 -20.11
N SER A 43 -4.07 -10.44 -19.38
CA SER A 43 -5.10 -9.44 -19.06
C SER A 43 -5.31 -8.43 -20.18
N PHE A 44 -4.43 -8.42 -21.18
CA PHE A 44 -4.59 -7.59 -22.37
C PHE A 44 -4.77 -8.48 -23.59
N ASP A 45 -5.49 -7.94 -24.58
CA ASP A 45 -5.60 -8.59 -25.88
C ASP A 45 -4.60 -7.89 -26.78
N PRO A 46 -3.49 -8.54 -27.22
CA PRO A 46 -2.47 -7.84 -28.01
C PRO A 46 -2.99 -7.25 -29.31
N VAL A 47 -4.07 -7.81 -29.86
CA VAL A 47 -4.66 -7.27 -31.09
C VAL A 47 -5.35 -5.94 -30.82
N ARG A 48 -6.01 -5.85 -29.66
CA ARG A 48 -6.59 -4.59 -29.23
C ARG A 48 -5.52 -3.53 -28.98
N ILE A 49 -4.44 -3.92 -28.31
CA ILE A 49 -3.33 -3.00 -28.11
C ILE A 49 -2.83 -2.48 -29.46
N ASN A 50 -2.69 -3.35 -30.46
CA ASN A 50 -2.30 -2.93 -31.81
C ASN A 50 -3.30 -1.94 -32.39
N GLU A 51 -4.60 -2.21 -32.18
CA GLU A 51 -5.64 -1.31 -32.66
C GLU A 51 -5.47 0.05 -32.01
N LEU A 52 -5.25 0.10 -30.69
CA LEU A 52 -5.06 1.36 -30.00
C LEU A 52 -3.80 2.11 -30.44
N ALA A 53 -2.70 1.38 -30.64
CA ALA A 53 -1.43 2.00 -30.99
C ALA A 53 -1.50 2.59 -32.39
N ASP A 54 -2.21 1.85 -33.26
CA ASP A 54 -2.39 2.26 -34.65
C ASP A 54 -3.18 3.58 -34.73
N LYS A 55 -4.29 3.65 -33.98
CA LYS A 55 -5.10 4.85 -33.94
C LYS A 55 -4.32 5.96 -33.29
N ALA A 56 -3.46 5.65 -32.29
CA ALA A 56 -2.72 6.70 -31.63
C ALA A 56 -1.60 7.26 -32.52
N LEU A 57 -0.88 6.38 -33.21
CA LEU A 57 0.35 6.77 -33.89
C LEU A 57 0.08 7.10 -35.35
N ASN A 58 -1.05 6.64 -35.89
CA ASN A 58 -1.50 7.04 -37.22
C ASN A 58 -2.97 7.46 -37.16
N PRO A 59 -3.28 8.59 -36.50
CA PRO A 59 -4.67 9.01 -36.29
C PRO A 59 -5.38 9.35 -37.60
N PRO A 60 -6.73 9.17 -37.66
CA PRO A 60 -7.53 9.77 -38.73
C PRO A 60 -7.55 11.31 -38.67
N ALA A 67 -14.42 23.31 -35.87
CA ALA A 67 -15.70 22.71 -36.32
C ALA A 67 -16.83 23.69 -36.04
N SER A 68 -18.07 23.23 -36.27
CA SER A 68 -19.30 23.88 -35.79
C SER A 68 -19.19 24.20 -34.29
N LEU A 69 -18.20 25.06 -33.93
CA LEU A 69 -17.53 25.07 -32.62
C LEU A 69 -17.72 26.42 -31.89
N GLU A 70 -18.93 26.69 -31.37
CA GLU A 70 -19.21 27.99 -30.78
C GLU A 70 -19.43 27.86 -29.26
N PRO A 71 -19.46 28.97 -28.49
CA PRO A 71 -20.03 28.95 -27.14
C PRO A 71 -21.36 28.18 -27.06
N LEU A 72 -21.59 27.51 -25.91
CA LEU A 72 -22.80 26.73 -25.67
C LEU A 72 -24.02 27.62 -25.89
N PRO A 73 -25.13 27.09 -26.45
CA PRO A 73 -26.37 27.86 -26.60
C PRO A 73 -27.06 28.06 -25.26
N ASP A 74 -28.04 28.98 -25.21
CA ASP A 74 -28.59 29.47 -23.95
C ASP A 74 -29.61 28.51 -23.33
N ILE A 75 -30.24 27.66 -24.14
CA ILE A 75 -31.12 26.65 -23.57
C ILE A 75 -30.32 25.72 -22.64
N ALA A 76 -29.01 25.61 -22.91
CA ALA A 76 -28.19 24.59 -22.25
C ALA A 76 -27.46 25.17 -21.04
N THR A 77 -27.47 26.49 -20.85
CA THR A 77 -26.59 27.14 -19.87
C THR A 77 -27.45 27.83 -18.81
N ALA A 78 -26.93 27.87 -17.58
CA ALA A 78 -27.51 28.62 -16.48
C ALA A 78 -26.38 29.24 -15.65
N SER A 79 -26.71 30.22 -14.81
CA SER A 79 -25.72 30.85 -13.97
C SER A 79 -26.37 31.16 -12.63
N ILE A 80 -25.67 30.81 -11.54
CA ILE A 80 -26.10 31.21 -10.21
C ILE A 80 -26.23 32.72 -10.11
N LEU A 81 -25.35 33.46 -10.80
CA LEU A 81 -25.39 34.92 -10.80
C LEU A 81 -26.74 35.43 -11.32
N ASP A 82 -27.34 34.76 -12.31
CA ASP A 82 -28.55 35.27 -12.96
C ASP A 82 -29.83 34.58 -12.49
N SER A 83 -29.73 33.71 -11.51
CA SER A 83 -30.83 32.93 -11.00
C SER A 83 -31.71 33.71 -10.04
N ASP A 84 -33.00 33.39 -10.05
CA ASP A 84 -33.93 33.92 -9.08
C ASP A 84 -33.63 33.26 -7.74
N PRO A 85 -33.32 34.02 -6.69
CA PRO A 85 -33.06 33.42 -5.37
C PRO A 85 -34.15 32.50 -4.85
N LYS A 86 -35.42 32.69 -5.25
CA LYS A 86 -36.49 31.79 -4.82
C LYS A 86 -36.34 30.42 -5.46
N ASP A 87 -35.88 30.40 -6.71
CA ASP A 87 -35.54 29.14 -7.39
C ASP A 87 -34.37 28.43 -6.71
N LEU A 88 -33.31 29.19 -6.35
CA LEU A 88 -32.13 28.59 -5.71
C LEU A 88 -32.55 27.95 -4.40
N GLU A 89 -33.47 28.61 -3.69
CA GLU A 89 -33.96 28.08 -2.43
C GLU A 89 -34.72 26.78 -2.68
N GLN A 90 -35.61 26.82 -3.64
CA GLN A 90 -36.43 25.64 -3.96
C GLN A 90 -35.56 24.47 -4.42
N TRP A 91 -34.58 24.70 -5.28
CA TRP A 91 -33.71 23.63 -5.75
C TRP A 91 -32.90 23.05 -4.58
N TYR A 92 -32.40 23.91 -3.68
CA TYR A 92 -31.70 23.42 -2.51
C TYR A 92 -32.60 22.47 -1.71
N GLU A 93 -33.83 22.92 -1.40
CA GLU A 93 -34.77 22.10 -0.62
C GLU A 93 -35.05 20.76 -1.32
N GLU A 94 -35.26 20.79 -2.63
CA GLU A 94 -35.52 19.58 -3.41
C GLU A 94 -34.30 18.67 -3.42
N GLY A 95 -33.10 19.23 -3.52
CA GLY A 95 -31.89 18.43 -3.43
C GLY A 95 -31.77 17.75 -2.06
N LEU A 96 -32.08 18.49 -1.00
CA LEU A 96 -31.94 17.92 0.34
C LEU A 96 -32.99 16.82 0.51
N LYS A 97 -34.18 16.99 -0.07
CA LYS A 97 -35.18 15.94 -0.01
C LYS A 97 -34.74 14.65 -0.69
N LEU A 98 -34.04 14.76 -1.82
CA LEU A 98 -33.46 13.61 -2.51
C LEU A 98 -32.38 12.93 -1.66
N VAL A 99 -31.54 13.72 -0.95
CA VAL A 99 -30.59 13.15 0.00
C VAL A 99 -31.35 12.37 1.09
N ALA A 100 -32.39 12.98 1.65
CA ALA A 100 -33.20 12.35 2.70
C ALA A 100 -33.86 11.06 2.21
N GLY A 101 -34.17 10.98 0.91
CA GLY A 101 -34.71 9.80 0.25
C GLY A 101 -33.69 8.70 -0.04
N ASN A 102 -32.41 8.89 0.38
CA ASN A 102 -31.33 7.97 0.11
C ASN A 102 -31.18 7.74 -1.40
N LYS A 103 -31.44 8.83 -2.16
CA LYS A 103 -31.35 8.71 -3.62
C LYS A 103 -30.07 9.30 -4.22
N VAL A 104 -29.18 9.84 -3.40
CA VAL A 104 -27.98 10.54 -3.85
C VAL A 104 -26.71 9.78 -3.48
N ALA A 105 -25.85 9.59 -4.50
CA ALA A 105 -24.53 9.03 -4.37
C ALA A 105 -23.45 9.99 -4.85
N VAL A 106 -22.25 9.76 -4.36
CA VAL A 106 -21.07 10.55 -4.72
C VAL A 106 -20.00 9.61 -5.25
N VAL A 107 -19.43 9.93 -6.42
CA VAL A 107 -18.24 9.25 -6.91
C VAL A 107 -17.07 10.22 -6.92
N LEU A 108 -16.02 9.87 -6.18
CA LEU A 108 -14.87 10.74 -6.03
C LEU A 108 -13.78 10.20 -6.93
N MET A 109 -13.29 11.04 -7.85
CA MET A 109 -12.16 10.63 -8.68
C MET A 109 -10.88 11.05 -7.96
N ALA A 110 -10.19 10.03 -7.39
CA ALA A 110 -8.97 10.18 -6.61
C ALA A 110 -7.89 9.18 -7.07
N GLY A 111 -7.78 8.94 -8.38
CA GLY A 111 -6.72 8.08 -8.89
C GLY A 111 -5.51 8.86 -9.39
N GLY A 112 -5.55 10.20 -9.26
CA GLY A 112 -4.48 11.03 -9.79
C GLY A 112 -3.17 10.79 -9.04
N GLN A 113 -2.04 10.99 -9.74
CA GLN A 113 -0.72 10.87 -9.12
C GLN A 113 -0.46 12.12 -8.27
N GLY A 114 -0.73 13.29 -8.87
CA GLY A 114 -0.24 14.58 -8.38
C GLY A 114 1.23 14.77 -8.76
N THR A 115 1.55 14.62 -10.05
CA THR A 115 2.92 14.84 -10.51
C THR A 115 3.34 16.29 -10.21
N ARG A 116 2.44 17.29 -10.42
CA ARG A 116 2.80 18.69 -10.18
C ARG A 116 2.97 18.99 -8.68
N LEU A 117 2.39 18.17 -7.79
CA LEU A 117 2.34 18.47 -6.37
C LEU A 117 3.54 17.90 -5.60
N GLY A 118 4.08 16.76 -6.07
CA GLY A 118 5.30 16.17 -5.54
C GLY A 118 5.18 15.57 -4.13
N SER A 119 3.99 15.07 -3.77
CA SER A 119 3.77 14.31 -2.54
C SER A 119 3.97 12.80 -2.82
N SER A 120 4.41 12.01 -1.82
CA SER A 120 4.51 10.56 -1.99
C SER A 120 3.15 9.89 -1.75
N ALA A 121 2.27 10.61 -1.04
CA ALA A 121 1.00 10.07 -0.60
C ALA A 121 -0.12 10.43 -1.56
N PRO A 122 -1.29 9.76 -1.48
CA PRO A 122 -2.49 10.15 -2.26
C PRO A 122 -2.80 11.62 -2.08
N LYS A 123 -3.22 12.28 -3.17
CA LYS A 123 -3.46 13.71 -3.11
C LYS A 123 -4.49 14.04 -2.04
N GLY A 124 -5.50 13.15 -1.89
CA GLY A 124 -6.58 13.39 -0.94
C GLY A 124 -6.10 13.50 0.52
N CYS A 125 -4.95 12.86 0.79
CA CYS A 125 -4.36 12.88 2.12
C CYS A 125 -3.72 14.22 2.45
N PHE A 126 -3.50 15.07 1.45
CA PHE A 126 -2.71 16.27 1.62
C PHE A 126 -3.34 17.26 2.62
N ASP A 127 -2.47 17.82 3.48
CA ASP A 127 -2.80 18.80 4.49
C ASP A 127 -2.36 20.16 3.97
N ILE A 128 -3.33 21.02 3.62
CA ILE A 128 -3.04 22.31 2.98
C ILE A 128 -2.66 23.35 4.02
N GLY A 129 -2.61 22.95 5.28
CA GLY A 129 -2.12 23.80 6.36
C GLY A 129 -3.19 24.61 7.06
N LEU A 130 -4.48 24.23 6.94
CA LEU A 130 -5.54 24.80 7.78
C LEU A 130 -5.23 24.63 9.26
N PRO A 131 -5.77 25.50 10.14
CA PRO A 131 -5.68 25.32 11.58
C PRO A 131 -6.06 23.92 12.07
N SER A 132 -7.05 23.26 11.44
CA SER A 132 -7.48 21.91 11.79
C SER A 132 -6.49 20.83 11.35
N HIS A 133 -5.61 21.14 10.40
CA HIS A 133 -4.78 20.14 9.75
C HIS A 133 -5.58 18.99 9.13
N LYS A 134 -6.82 19.25 8.73
CA LYS A 134 -7.58 18.25 8.01
C LYS A 134 -7.10 18.08 6.57
N SER A 135 -7.09 16.81 6.13
CA SER A 135 -6.84 16.41 4.77
C SER A 135 -8.01 16.82 3.87
N LEU A 136 -7.76 16.84 2.56
CA LEU A 136 -8.83 17.02 1.58
C LEU A 136 -9.90 15.93 1.75
N PHE A 137 -9.49 14.67 1.91
CA PHE A 137 -10.45 13.58 2.13
C PHE A 137 -11.36 13.90 3.33
N GLN A 138 -10.79 14.26 4.46
CA GLN A 138 -11.60 14.48 5.65
C GLN A 138 -12.60 15.64 5.50
N ILE A 139 -12.18 16.76 4.89
CA ILE A 139 -13.08 17.90 4.65
C ILE A 139 -14.25 17.46 3.77
N GLN A 140 -13.96 16.64 2.75
CA GLN A 140 -15.02 16.15 1.86
C GLN A 140 -15.97 15.21 2.64
N ALA A 141 -15.39 14.32 3.42
CA ALA A 141 -16.17 13.38 4.21
C ALA A 141 -17.11 14.10 5.19
N GLU A 142 -16.63 15.19 5.78
CA GLU A 142 -17.39 15.98 6.72
C GLU A 142 -18.52 16.75 6.03
N ARG A 143 -18.28 17.17 4.78
CA ARG A 143 -19.37 17.75 3.99
C ARG A 143 -20.49 16.74 3.79
N ILE A 144 -20.12 15.48 3.47
CA ILE A 144 -21.11 14.43 3.33
C ILE A 144 -21.86 14.23 4.65
N ALA A 145 -21.13 14.09 5.75
CA ALA A 145 -21.71 13.89 7.07
C ALA A 145 -22.72 14.99 7.38
N LYS A 146 -22.33 16.24 7.15
CA LYS A 146 -23.19 17.38 7.42
C LYS A 146 -24.45 17.35 6.56
N LEU A 147 -24.36 17.06 5.26
CA LEU A 147 -25.57 17.04 4.45
C LEU A 147 -26.49 15.92 4.91
N GLN A 148 -25.92 14.77 5.33
CA GLN A 148 -26.76 13.72 5.87
C GLN A 148 -27.53 14.27 7.09
N LEU A 149 -26.82 14.92 8.01
CA LEU A 149 -27.47 15.47 9.21
C LEU A 149 -28.54 16.50 8.83
N LEU A 150 -28.27 17.40 7.89
CA LEU A 150 -29.31 18.35 7.47
C LEU A 150 -30.55 17.66 6.90
N ALA A 151 -30.34 16.59 6.12
CA ALA A 151 -31.43 15.87 5.49
C ALA A 151 -32.27 15.14 6.58
N GLN A 152 -31.60 14.68 7.63
CA GLN A 152 -32.31 13.92 8.67
C GLN A 152 -33.29 14.84 9.39
N ARG A 153 -33.03 16.15 9.35
CA ARG A 153 -33.91 17.13 9.97
C ARG A 153 -35.25 17.15 9.27
N ILE A 154 -35.27 16.80 7.98
CA ILE A 154 -36.52 16.89 7.27
C ILE A 154 -37.27 15.56 7.24
N SER A 155 -36.57 14.43 7.26
CA SER A 155 -37.17 13.10 7.17
C SER A 155 -37.54 12.51 8.54
N GLY A 156 -36.70 12.74 9.59
CA GLY A 156 -36.71 11.93 10.80
C GLY A 156 -36.28 10.47 10.61
N LYS A 157 -35.47 10.19 9.57
CA LYS A 157 -34.96 8.87 9.24
C LYS A 157 -33.48 8.99 8.87
N GLU A 158 -32.72 7.88 8.92
CA GLU A 158 -31.31 7.91 8.54
C GLU A 158 -31.19 8.39 7.08
N ALA A 159 -30.24 9.29 6.82
CA ALA A 159 -29.89 9.72 5.46
C ALA A 159 -28.47 9.25 5.15
N VAL A 160 -28.34 8.56 4.02
CA VAL A 160 -27.06 8.01 3.59
C VAL A 160 -26.78 8.44 2.15
N ILE A 161 -25.60 9.05 2.00
CA ILE A 161 -24.97 9.33 0.71
C ILE A 161 -23.77 8.43 0.56
N PRO A 162 -23.88 7.31 -0.18
CA PRO A 162 -22.73 6.42 -0.32
C PRO A 162 -21.64 7.15 -1.08
N TRP A 163 -20.41 6.86 -0.65
CA TRP A 163 -19.23 7.49 -1.18
C TRP A 163 -18.40 6.41 -1.87
N TYR A 164 -18.28 6.55 -3.19
CA TYR A 164 -17.53 5.62 -4.00
C TYR A 164 -16.27 6.31 -4.47
N VAL A 165 -15.14 5.83 -3.95
CA VAL A 165 -13.86 6.49 -4.13
C VAL A 165 -13.02 5.72 -5.15
N MET A 166 -12.86 6.32 -6.33
CA MET A 166 -12.07 5.70 -7.37
C MET A 166 -10.60 6.09 -7.21
N THR A 167 -9.75 5.06 -7.10
CA THR A 167 -8.32 5.20 -6.90
C THR A 167 -7.60 4.50 -8.04
N SER A 168 -6.31 4.75 -8.11
CA SER A 168 -5.49 3.99 -9.04
C SER A 168 -4.68 2.94 -8.29
N GLY A 169 -4.02 2.01 -9.01
CA GLY A 169 -2.97 1.20 -8.38
C GLY A 169 -1.91 1.99 -7.60
N PRO A 170 -1.36 3.15 -8.04
CA PRO A 170 -0.53 3.98 -7.15
C PRO A 170 -1.14 4.48 -5.82
N THR A 171 -2.46 4.37 -5.65
CA THR A 171 -3.09 5.09 -4.56
C THR A 171 -4.03 4.23 -3.69
N ARG A 172 -4.42 3.04 -4.13
CA ARG A 172 -5.55 2.32 -3.52
C ARG A 172 -5.27 1.83 -2.08
N LYS A 173 -4.15 1.09 -1.89
CA LYS A 173 -3.79 0.62 -0.57
C LYS A 173 -3.59 1.78 0.41
N PRO A 174 -2.70 2.76 0.18
CA PRO A 174 -2.58 3.84 1.14
C PRO A 174 -3.88 4.62 1.39
N THR A 175 -4.74 4.74 0.37
CA THR A 175 -6.05 5.38 0.55
C THR A 175 -6.90 4.62 1.56
N GLU A 176 -7.01 3.29 1.41
CA GLU A 176 -7.80 2.47 2.29
C GLU A 176 -7.22 2.53 3.70
N GLU A 177 -5.90 2.42 3.81
CA GLU A 177 -5.26 2.50 5.12
C GLU A 177 -5.57 3.83 5.79
N PHE A 178 -5.49 4.93 5.03
CA PHE A 178 -5.79 6.24 5.57
C PHE A 178 -7.23 6.34 6.06
N PHE A 179 -8.19 5.85 5.28
CA PHE A 179 -9.59 5.87 5.67
C PHE A 179 -9.79 5.04 6.94
N GLU A 180 -9.15 3.87 6.99
CA GLU A 180 -9.27 3.00 8.18
C GLU A 180 -8.69 3.66 9.44
N GLN A 181 -7.51 4.27 9.32
CA GLN A 181 -6.86 4.90 10.46
C GLN A 181 -7.71 6.05 11.02
N HIS A 182 -8.50 6.70 10.14
CA HIS A 182 -9.41 7.76 10.53
C HIS A 182 -10.84 7.30 10.85
N LYS A 183 -11.07 5.99 10.92
CA LYS A 183 -12.38 5.40 11.12
C LYS A 183 -13.39 6.01 10.18
N TYR A 184 -12.99 6.19 8.91
CA TYR A 184 -13.85 6.68 7.85
C TYR A 184 -14.42 8.07 8.16
N PHE A 185 -13.72 8.85 8.98
CA PHE A 185 -14.03 10.22 9.31
C PHE A 185 -15.43 10.36 9.90
N GLY A 186 -15.94 9.30 10.56
CA GLY A 186 -17.25 9.36 11.19
C GLY A 186 -18.39 8.89 10.28
N LEU A 187 -18.10 8.62 8.98
CA LEU A 187 -19.05 7.94 8.13
C LEU A 187 -18.99 6.46 8.52
N ASN A 188 -19.95 5.70 8.03
CA ASN A 188 -19.96 4.27 8.19
C ASN A 188 -19.15 3.63 7.07
N LYS A 189 -18.22 2.76 7.44
CA LYS A 189 -17.38 2.02 6.49
C LYS A 189 -18.26 1.31 5.47
N SER A 190 -19.42 0.79 5.92
CA SER A 190 -20.33 0.06 5.05
C SER A 190 -20.94 0.94 3.94
N ASP A 191 -20.72 2.25 4.00
CA ASP A 191 -21.29 3.16 3.00
C ASP A 191 -20.18 3.88 2.24
N VAL A 192 -18.95 3.42 2.38
CA VAL A 192 -17.80 3.93 1.62
C VAL A 192 -17.11 2.75 0.93
N ILE A 193 -16.96 2.84 -0.41
CA ILE A 193 -16.29 1.82 -1.20
C ILE A 193 -15.11 2.43 -1.92
N ILE A 194 -13.90 1.91 -1.66
CA ILE A 194 -12.72 2.32 -2.40
C ILE A 194 -12.49 1.27 -3.47
N PHE A 195 -12.42 1.74 -4.72
CA PHE A 195 -12.26 0.83 -5.85
C PHE A 195 -11.21 1.38 -6.79
N GLU A 196 -10.72 0.53 -7.71
CA GLU A 196 -9.65 0.93 -8.59
C GLU A 196 -10.14 1.12 -10.02
N GLN A 197 -9.56 2.13 -10.66
CA GLN A 197 -9.78 2.28 -12.08
C GLN A 197 -8.81 1.32 -12.81
N GLY A 198 -9.07 1.08 -14.07
CA GLY A 198 -8.22 0.22 -14.86
C GLY A 198 -6.98 0.91 -15.42
N VAL A 199 -6.22 0.10 -16.18
CA VAL A 199 -4.97 0.55 -16.76
C VAL A 199 -4.98 0.19 -18.23
N LEU A 200 -4.04 0.79 -18.96
CA LEU A 200 -3.68 0.37 -20.30
C LEU A 200 -2.17 0.28 -20.39
N PRO A 201 -1.63 -0.60 -21.25
CA PRO A 201 -0.20 -0.68 -21.43
C PRO A 201 0.33 0.60 -22.06
N CYS A 202 1.53 1.02 -21.65
CA CYS A 202 2.22 2.10 -22.32
C CYS A 202 2.82 1.58 -23.62
N ILE A 203 2.86 2.44 -24.65
CA ILE A 203 3.20 2.00 -26.00
C ILE A 203 4.43 2.80 -26.46
N SER A 204 5.41 2.15 -27.09
CA SER A 204 6.55 2.86 -27.62
C SER A 204 6.16 3.69 -28.85
N ASN A 205 7.08 4.57 -29.28
CA ASN A 205 6.89 5.38 -30.47
C ASN A 205 6.74 4.51 -31.71
N GLU A 206 7.20 3.26 -31.65
CA GLU A 206 7.09 2.31 -32.74
C GLU A 206 5.88 1.38 -32.58
N GLY A 207 5.00 1.58 -31.56
CA GLY A 207 3.81 0.77 -31.40
C GLY A 207 3.99 -0.48 -30.52
N LYS A 208 5.13 -0.62 -29.86
CA LYS A 208 5.46 -1.83 -29.13
C LYS A 208 5.17 -1.63 -27.65
N ILE A 209 4.66 -2.69 -27.02
CA ILE A 209 4.44 -2.66 -25.59
C ILE A 209 5.76 -2.45 -24.87
N LEU A 210 5.75 -1.54 -23.89
CA LEU A 210 6.95 -1.24 -23.14
C LEU A 210 6.99 -2.17 -21.93
N MET A 211 8.19 -2.70 -21.70
CA MET A 211 8.48 -3.54 -20.52
C MET A 211 9.13 -2.71 -19.42
N GLU A 212 8.44 -2.61 -18.28
CA GLU A 212 8.96 -1.92 -17.11
C GLU A 212 10.14 -2.69 -16.52
N SER A 213 10.03 -4.02 -16.54
CA SER A 213 11.06 -4.92 -16.04
C SER A 213 11.11 -6.12 -16.98
N LYS A 214 11.97 -7.09 -16.68
CA LYS A 214 12.04 -8.28 -17.51
C LYS A 214 10.76 -9.11 -17.42
N PHE A 215 9.89 -8.81 -16.43
CA PHE A 215 8.74 -9.67 -16.24
C PHE A 215 7.46 -8.85 -16.06
N LYS A 216 7.53 -7.53 -16.33
CA LYS A 216 6.37 -6.64 -16.14
C LYS A 216 6.25 -5.62 -17.27
N VAL A 217 5.02 -5.53 -17.80
CA VAL A 217 4.61 -4.53 -18.78
C VAL A 217 4.38 -3.20 -18.06
N ALA A 218 4.92 -2.12 -18.66
CA ALA A 218 4.68 -0.78 -18.16
C ALA A 218 3.22 -0.44 -18.46
N VAL A 219 2.45 -0.06 -17.42
CA VAL A 219 1.06 0.31 -17.59
C VAL A 219 0.85 1.68 -16.93
N ALA A 220 -0.27 2.32 -17.28
CA ALA A 220 -0.65 3.56 -16.61
C ALA A 220 -2.17 3.56 -16.41
N PRO A 221 -2.71 4.27 -15.40
CA PRO A 221 -4.16 4.43 -15.29
C PRO A 221 -4.75 5.00 -16.58
N ASP A 222 -5.98 4.62 -16.88
CA ASP A 222 -6.63 4.80 -18.15
C ASP A 222 -7.41 6.12 -18.27
N GLY A 223 -7.07 7.11 -17.43
CA GLY A 223 -7.69 8.44 -17.47
C GLY A 223 -8.96 8.45 -16.62
N ASN A 224 -9.49 9.63 -16.28
CA ASN A 224 -10.63 9.66 -15.37
C ASN A 224 -11.89 9.18 -16.11
N GLY A 225 -11.82 9.08 -17.45
CA GLY A 225 -12.89 8.55 -18.25
C GLY A 225 -13.02 7.03 -18.11
N GLY A 226 -12.00 6.44 -17.49
CA GLY A 226 -12.00 5.07 -17.02
C GLY A 226 -13.06 4.82 -15.95
N ILE A 227 -13.64 5.87 -15.38
CA ILE A 227 -14.67 5.74 -14.35
C ILE A 227 -15.79 4.79 -14.78
N TYR A 228 -16.26 4.93 -16.03
CA TYR A 228 -17.51 4.30 -16.42
C TYR A 228 -17.38 2.78 -16.43
N GLN A 229 -16.34 2.26 -17.09
CA GLN A 229 -16.08 0.83 -17.07
C GLN A 229 -15.84 0.37 -15.63
N ALA A 230 -15.11 1.18 -14.84
CA ALA A 230 -14.75 0.76 -13.50
C ALA A 230 -16.00 0.66 -12.62
N LEU A 231 -17.02 1.49 -12.85
CA LEU A 231 -18.26 1.37 -12.10
C LEU A 231 -18.95 0.01 -12.27
N LEU A 232 -18.81 -0.62 -13.44
CA LEU A 232 -19.36 -1.94 -13.65
C LEU A 232 -18.50 -3.01 -12.96
N THR A 233 -17.20 -3.03 -13.32
CA THR A 233 -16.30 -4.10 -12.90
C THR A 233 -16.13 -4.10 -11.38
N SER A 234 -16.18 -2.92 -10.73
CA SER A 234 -16.01 -2.80 -9.29
C SER A 234 -17.21 -3.29 -8.47
N GLY A 235 -18.39 -3.46 -9.10
CA GLY A 235 -19.63 -3.67 -8.37
C GLY A 235 -20.35 -2.38 -7.95
N VAL A 236 -19.78 -1.20 -8.24
CA VAL A 236 -20.34 0.03 -7.68
C VAL A 236 -21.73 0.30 -8.24
N ARG A 237 -21.90 0.13 -9.56
CA ARG A 237 -23.18 0.42 -10.19
C ARG A 237 -24.26 -0.51 -9.61
N GLU A 238 -23.90 -1.77 -9.38
CA GLU A 238 -24.80 -2.74 -8.74
C GLU A 238 -25.17 -2.28 -7.33
N ASP A 239 -24.20 -1.74 -6.60
CA ASP A 239 -24.47 -1.27 -5.26
C ASP A 239 -25.43 -0.08 -5.30
N MET A 240 -25.19 0.84 -6.25
CA MET A 240 -26.11 1.97 -6.41
C MET A 240 -27.52 1.44 -6.68
N ARG A 241 -27.63 0.44 -7.57
CA ARG A 241 -28.95 -0.09 -7.91
C ARG A 241 -29.64 -0.64 -6.66
N LYS A 242 -28.90 -1.40 -5.86
CA LYS A 242 -29.45 -2.06 -4.70
C LYS A 242 -29.93 -1.00 -3.71
N ARG A 243 -29.23 0.16 -3.65
CA ARG A 243 -29.61 1.21 -2.72
C ARG A 243 -30.73 2.11 -3.22
N GLY A 244 -31.15 2.01 -4.50
CA GLY A 244 -32.15 2.90 -5.03
C GLY A 244 -31.60 4.30 -5.39
N ILE A 245 -30.28 4.38 -5.66
CA ILE A 245 -29.67 5.63 -6.10
C ILE A 245 -30.30 6.06 -7.41
N GLU A 246 -30.63 7.37 -7.49
CA GLU A 246 -31.14 7.96 -8.72
C GLU A 246 -30.30 9.13 -9.23
N HIS A 247 -29.41 9.65 -8.40
CA HIS A 247 -28.72 10.91 -8.71
C HIS A 247 -27.28 10.75 -8.23
N ILE A 248 -26.31 11.06 -9.10
CA ILE A 248 -24.92 10.93 -8.72
C ILE A 248 -24.14 12.23 -8.97
N HIS A 249 -23.35 12.60 -7.96
CA HIS A 249 -22.40 13.71 -8.06
C HIS A 249 -21.01 13.11 -8.18
N THR A 250 -20.27 13.49 -9.25
CA THR A 250 -18.92 13.04 -9.49
C THR A 250 -17.99 14.25 -9.52
N TYR A 251 -16.86 14.16 -8.85
CA TYR A 251 -15.94 15.27 -8.78
C TYR A 251 -14.51 14.78 -8.55
N YCM A 252 -13.57 15.73 -8.69
CA YCM A 252 -12.14 15.51 -8.53
CB YCM A 252 -11.41 16.35 -9.57
SG YCM A 252 -9.60 16.19 -9.46
CD YCM A 252 -9.40 14.53 -10.13
CE YCM A 252 -9.87 14.46 -11.56
OZ1 YCM A 252 -10.87 13.82 -11.84
NZ2 YCM A 252 -9.15 15.10 -12.48
C YCM A 252 -11.67 15.87 -7.12
O YCM A 252 -12.01 16.90 -6.55
N VAL A 253 -10.81 15.03 -6.54
CA VAL A 253 -10.38 15.15 -5.15
C VAL A 253 -9.64 16.47 -4.85
N ASP A 254 -9.06 17.07 -5.87
CA ASP A 254 -8.11 18.14 -5.63
C ASP A 254 -8.77 19.49 -5.36
N ASN A 255 -10.10 19.58 -5.46
CA ASN A 255 -10.79 20.86 -5.26
C ASN A 255 -11.20 21.00 -3.80
N CYS A 256 -10.47 21.84 -3.07
CA CYS A 256 -10.67 21.91 -1.62
CA CYS A 256 -10.57 22.01 -1.65
C CYS A 256 -11.98 22.61 -1.26
N LEU A 257 -12.65 23.34 -2.18
CA LEU A 257 -13.95 23.98 -1.95
C LEU A 257 -15.11 23.18 -2.49
N VAL A 258 -14.85 21.95 -2.98
CA VAL A 258 -15.93 21.23 -3.65
C VAL A 258 -17.17 21.09 -2.74
N LYS A 259 -18.34 21.46 -3.29
CA LYS A 259 -19.61 21.33 -2.62
C LYS A 259 -20.11 19.90 -2.89
N VAL A 260 -19.63 18.98 -2.04
CA VAL A 260 -19.91 17.55 -2.25
C VAL A 260 -21.42 17.31 -2.20
N ALA A 261 -21.98 16.61 -3.20
CA ALA A 261 -23.42 16.32 -3.25
C ALA A 261 -24.27 17.58 -3.10
N ASP A 262 -23.79 18.71 -3.67
CA ASP A 262 -24.42 20.00 -3.53
C ASP A 262 -25.92 19.94 -3.79
N PRO A 263 -26.77 20.19 -2.78
CA PRO A 263 -28.19 20.03 -2.97
C PRO A 263 -28.77 20.92 -4.07
N VAL A 264 -28.23 22.14 -4.26
CA VAL A 264 -28.80 23.02 -5.27
C VAL A 264 -28.51 22.47 -6.65
N PHE A 265 -27.35 21.85 -6.81
CA PHE A 265 -26.96 21.25 -8.09
C PHE A 265 -27.82 20.04 -8.43
N ILE A 266 -27.91 19.11 -7.47
CA ILE A 266 -28.75 17.93 -7.60
C ILE A 266 -30.20 18.32 -7.82
N GLY A 267 -30.74 19.24 -7.01
CA GLY A 267 -32.12 19.68 -7.19
C GLY A 267 -32.41 20.29 -8.54
N PHE A 268 -31.51 21.15 -8.97
CA PHE A 268 -31.63 21.78 -10.27
C PHE A 268 -31.60 20.72 -11.39
N ALA A 269 -30.59 19.86 -11.39
CA ALA A 269 -30.46 18.83 -12.40
C ALA A 269 -31.71 17.95 -12.45
N ALA A 270 -32.17 17.51 -11.28
CA ALA A 270 -33.32 16.63 -11.17
C ALA A 270 -34.57 17.35 -11.66
N SER A 271 -34.68 18.66 -11.40
CA SER A 271 -35.88 19.40 -11.77
C SER A 271 -35.96 19.48 -13.29
N LYS A 272 -34.81 19.56 -13.93
CA LYS A 272 -34.77 19.65 -15.38
C LYS A 272 -34.81 18.27 -16.03
N GLN A 273 -34.74 17.21 -15.23
CA GLN A 273 -34.69 15.81 -15.66
C GLN A 273 -33.59 15.57 -16.69
N VAL A 274 -32.41 16.17 -16.48
CA VAL A 274 -31.28 15.95 -17.38
C VAL A 274 -30.66 14.58 -17.12
N ASP A 275 -29.93 14.06 -18.12
CA ASP A 275 -29.10 12.89 -17.96
C ASP A 275 -27.76 13.34 -17.37
N ILE A 276 -27.22 14.49 -17.81
CA ILE A 276 -25.96 15.07 -17.36
C ILE A 276 -26.08 16.56 -17.07
N ALA A 277 -25.48 17.00 -15.96
CA ALA A 277 -25.22 18.41 -15.72
C ALA A 277 -23.79 18.59 -15.27
N THR A 278 -23.29 19.84 -15.41
CA THR A 278 -21.91 20.10 -15.14
C THR A 278 -21.76 21.57 -14.70
N LYS A 279 -20.81 21.81 -13.81
CA LYS A 279 -20.47 23.15 -13.35
C LYS A 279 -19.26 23.73 -14.06
N VAL A 280 -19.32 25.06 -14.24
CA VAL A 280 -18.21 25.82 -14.77
C VAL A 280 -18.05 27.07 -13.95
N VAL A 281 -16.87 27.70 -14.11
CA VAL A 281 -16.60 29.05 -13.62
C VAL A 281 -16.08 29.85 -14.80
N ARG A 282 -16.00 31.18 -14.62
CA ARG A 282 -15.36 32.03 -15.62
C ARG A 282 -13.85 31.85 -15.61
N LYS A 283 -13.26 31.63 -16.79
CA LYS A 283 -11.83 31.37 -16.93
C LYS A 283 -11.01 32.57 -16.42
N ARG A 284 -9.89 32.32 -15.72
CA ARG A 284 -9.22 33.41 -15.03
C ARG A 284 -8.24 34.11 -15.98
N ASN A 285 -7.83 33.44 -17.08
CA ASN A 285 -7.06 34.03 -18.17
C ASN A 285 -6.85 32.98 -19.26
N ALA A 286 -6.23 33.36 -20.40
CA ALA A 286 -6.11 32.46 -21.56
C ALA A 286 -5.22 31.25 -21.25
N THR A 287 -4.30 31.36 -20.27
CA THR A 287 -3.31 30.32 -19.99
C THR A 287 -3.72 29.39 -18.83
N GLU A 288 -4.88 29.62 -18.20
CA GLU A 288 -5.34 28.73 -17.13
C GLU A 288 -5.49 27.29 -17.66
N SER A 289 -4.98 26.32 -16.87
CA SER A 289 -4.99 24.90 -17.26
C SER A 289 -6.32 24.29 -16.86
N VAL A 290 -7.35 24.70 -17.60
CA VAL A 290 -8.70 24.19 -17.43
C VAL A 290 -9.21 23.82 -18.80
N GLY A 291 -10.01 22.73 -18.83
CA GLY A 291 -10.75 22.39 -20.04
C GLY A 291 -11.84 23.41 -20.25
N LEU A 292 -12.26 23.63 -21.51
CA LEU A 292 -13.23 24.70 -21.80
C LEU A 292 -14.44 24.05 -22.42
N ILE A 293 -15.61 24.34 -21.83
CA ILE A 293 -16.88 23.72 -22.20
C ILE A 293 -17.56 24.67 -23.18
N LEU A 294 -18.03 24.11 -24.30
CA LEU A 294 -18.46 24.84 -25.49
C LEU A 294 -19.32 23.91 -26.33
N GLN A 295 -19.66 24.29 -27.56
CA GLN A 295 -20.47 23.38 -28.37
C GLN A 295 -19.68 22.89 -29.59
N LYS A 296 -20.11 21.73 -30.15
CA LYS A 296 -19.46 21.12 -31.30
C LYS A 296 -20.48 20.27 -32.07
N ASN A 297 -20.87 20.76 -33.26
CA ASN A 297 -21.53 19.90 -34.22
C ASN A 297 -22.94 19.51 -33.73
N GLY A 298 -23.62 20.47 -33.07
CA GLY A 298 -24.95 20.28 -32.51
C GLY A 298 -24.93 19.55 -31.17
N LYS A 299 -23.72 19.46 -30.58
CA LYS A 299 -23.46 18.53 -29.49
C LYS A 299 -22.69 19.24 -28.37
N PRO A 300 -23.12 19.08 -27.11
CA PRO A 300 -22.31 19.59 -25.99
C PRO A 300 -20.97 18.85 -25.91
N ASP A 301 -19.89 19.55 -25.60
CA ASP A 301 -18.57 18.95 -25.66
C ASP A 301 -17.58 19.79 -24.86
N VAL A 302 -16.33 19.31 -24.70
CA VAL A 302 -15.28 20.00 -23.98
C VAL A 302 -13.96 19.97 -24.76
N VAL A 303 -13.08 21.00 -24.58
CA VAL A 303 -11.73 21.11 -25.16
C VAL A 303 -10.63 21.25 -24.10
N GLU A 304 -9.84 20.17 -23.92
CA GLU A 304 -8.91 20.10 -22.80
C GLU A 304 -7.78 21.11 -23.03
N TYR A 305 -7.25 21.69 -21.94
CA TYR A 305 -6.17 22.69 -21.99
C TYR A 305 -4.89 22.18 -22.65
N SER A 306 -4.69 20.84 -22.65
CA SER A 306 -3.50 20.21 -23.20
C SER A 306 -3.61 19.96 -24.71
N GLU A 307 -4.80 20.22 -25.30
CA GLU A 307 -5.05 20.06 -26.73
C GLU A 307 -5.45 21.37 -27.41
N ILE A 308 -5.95 22.35 -26.65
CA ILE A 308 -6.45 23.59 -27.23
C ILE A 308 -5.32 24.26 -27.99
N ASP A 309 -5.66 24.98 -29.07
CA ASP A 309 -4.71 25.77 -29.84
C ASP A 309 -4.66 27.19 -29.29
N LYS A 310 -3.46 27.80 -29.24
CA LYS A 310 -3.26 29.19 -28.79
C LYS A 310 -4.35 30.13 -29.28
N GLU A 311 -4.73 30.00 -30.57
CA GLU A 311 -5.61 30.95 -31.22
C GLU A 311 -7.02 30.89 -30.62
N THR A 312 -7.49 29.72 -30.13
CA THR A 312 -8.80 29.62 -29.51
C THR A 312 -8.71 30.02 -28.02
N ALA A 313 -7.64 29.60 -27.33
CA ALA A 313 -7.43 30.02 -25.94
C ALA A 313 -7.37 31.54 -25.83
N GLU A 314 -6.76 32.19 -26.85
CA GLU A 314 -6.60 33.63 -26.89
C GLU A 314 -7.71 34.37 -27.64
N ALA A 315 -8.61 33.66 -28.34
CA ALA A 315 -9.67 34.31 -29.12
C ALA A 315 -10.50 35.24 -28.23
N LYS A 316 -11.03 36.31 -28.84
CA LYS A 316 -11.78 37.32 -28.12
C LYS A 316 -13.26 37.25 -28.50
N ASP A 317 -14.12 37.72 -27.58
CA ASP A 317 -15.56 37.77 -27.80
C ASP A 317 -15.83 38.72 -28.96
N PRO A 318 -16.62 38.29 -29.98
CA PRO A 318 -17.04 39.16 -31.10
C PRO A 318 -17.41 40.62 -30.78
N LYS A 319 -18.13 40.86 -29.67
CA LYS A 319 -18.68 42.19 -29.39
C LYS A 319 -17.88 42.89 -28.29
N GLN A 320 -17.10 42.13 -27.49
CA GLN A 320 -16.34 42.71 -26.40
C GLN A 320 -14.87 42.29 -26.54
N PRO A 321 -14.03 43.06 -27.28
CA PRO A 321 -12.70 42.61 -27.72
C PRO A 321 -11.61 42.46 -26.64
N ASP A 322 -11.91 42.85 -25.39
CA ASP A 322 -10.97 42.70 -24.27
C ASP A 322 -11.31 41.49 -23.38
N VAL A 323 -12.38 40.75 -23.70
CA VAL A 323 -12.80 39.60 -22.90
C VAL A 323 -12.71 38.35 -23.77
N LEU A 324 -12.23 37.23 -23.18
CA LEU A 324 -12.01 35.98 -23.89
C LEU A 324 -13.35 35.43 -24.39
N LYS A 325 -13.31 34.78 -25.58
CA LYS A 325 -14.50 34.24 -26.23
C LYS A 325 -15.00 32.99 -25.49
N PHE A 326 -14.01 32.18 -25.05
CA PHE A 326 -14.28 30.91 -24.40
C PHE A 326 -13.78 31.00 -22.95
N ARG A 327 -14.73 31.05 -21.98
CA ARG A 327 -14.38 31.31 -20.59
C ARG A 327 -15.17 30.42 -19.61
N ALA A 328 -15.84 29.35 -20.09
CA ALA A 328 -16.54 28.36 -19.25
C ALA A 328 -15.58 27.25 -18.81
N ALA A 329 -14.79 27.54 -17.79
CA ALA A 329 -13.78 26.63 -17.32
C ALA A 329 -14.51 25.44 -16.67
N ASN A 330 -14.36 24.25 -17.27
CA ASN A 330 -14.69 22.97 -16.63
C ASN A 330 -14.03 22.85 -15.26
N ILE A 331 -14.85 22.64 -14.21
CA ILE A 331 -14.31 22.47 -12.87
C ILE A 331 -14.50 21.02 -12.37
N VAL A 332 -14.77 20.10 -13.29
CA VAL A 332 -14.81 18.66 -13.00
C VAL A 332 -15.83 18.37 -11.92
N ASN A 333 -17.04 18.83 -12.21
CA ASN A 333 -18.09 18.73 -11.25
C ASN A 333 -19.38 18.36 -11.96
N HIS A 334 -19.72 17.06 -11.93
CA HIS A 334 -20.71 16.55 -12.84
C HIS A 334 -21.84 15.86 -12.09
N TYR A 335 -23.04 15.94 -12.66
CA TYR A 335 -24.20 15.21 -12.23
C TYR A 335 -24.56 14.17 -13.29
N TYR A 336 -24.94 12.98 -12.84
CA TYR A 336 -25.55 12.00 -13.72
C TYR A 336 -26.79 11.42 -13.08
N SER A 337 -27.78 11.13 -13.94
CA SER A 337 -28.85 10.23 -13.57
C SER A 337 -28.33 8.81 -13.45
N PHE A 338 -28.99 8.03 -12.59
CA PHE A 338 -28.64 6.62 -12.52
C PHE A 338 -28.95 5.91 -13.84
N LYS A 339 -30.06 6.31 -14.49
CA LYS A 339 -30.43 5.77 -15.78
C LYS A 339 -29.30 5.91 -16.80
N PHE A 340 -28.60 7.06 -16.78
CA PHE A 340 -27.42 7.19 -17.62
C PHE A 340 -26.39 6.09 -17.36
N PHE A 341 -26.11 5.76 -16.09
CA PHE A 341 -25.13 4.74 -15.76
C PHE A 341 -25.62 3.36 -16.20
N GLU A 342 -26.94 3.15 -16.30
CA GLU A 342 -27.43 1.85 -16.72
C GLU A 342 -27.17 1.58 -18.20
N SER A 343 -26.72 2.58 -18.95
CA SER A 343 -26.49 2.44 -20.37
C SER A 343 -24.99 2.29 -20.69
N ILE A 344 -24.12 2.23 -19.67
CA ILE A 344 -22.66 2.35 -19.88
C ILE A 344 -22.19 1.34 -20.94
N GLU A 345 -22.70 0.12 -20.86
CA GLU A 345 -22.28 -0.99 -21.72
C GLU A 345 -22.43 -0.65 -23.21
N LEU A 346 -23.42 0.18 -23.55
CA LEU A 346 -23.70 0.50 -24.94
C LEU A 346 -22.72 1.52 -25.52
N TRP A 347 -21.92 2.20 -24.69
CA TRP A 347 -21.13 3.28 -25.24
C TRP A 347 -19.72 3.41 -24.68
N ALA A 348 -19.34 2.59 -23.67
CA ALA A 348 -18.05 2.73 -23.00
C ALA A 348 -16.91 2.51 -24.00
N HIS A 349 -17.16 1.58 -24.92
CA HIS A 349 -16.23 1.28 -26.01
C HIS A 349 -16.20 2.36 -27.08
N LYS A 350 -17.16 3.30 -27.12
CA LYS A 350 -17.16 4.34 -28.13
C LYS A 350 -16.29 5.52 -27.68
N LEU A 351 -15.83 5.54 -26.41
CA LEU A 351 -15.06 6.68 -25.94
C LEU A 351 -13.67 6.69 -26.56
N PRO A 352 -13.15 7.87 -26.97
CA PRO A 352 -11.81 7.99 -27.56
C PRO A 352 -10.65 7.80 -26.58
N HIS A 353 -9.47 7.41 -27.10
CA HIS A 353 -8.27 7.49 -26.30
C HIS A 353 -7.44 8.70 -26.71
N HIS A 354 -7.08 9.50 -25.70
CA HIS A 354 -6.23 10.68 -25.82
C HIS A 354 -4.78 10.23 -25.65
N VAL A 355 -3.89 10.72 -26.52
CA VAL A 355 -2.47 10.40 -26.45
C VAL A 355 -1.71 11.44 -25.64
N ALA A 356 -0.90 10.93 -24.71
CA ALA A 356 0.09 11.73 -24.03
C ALA A 356 1.46 11.10 -24.24
N ARG A 357 2.40 11.86 -24.85
CA ARG A 357 3.76 11.38 -25.03
C ARG A 357 4.49 11.50 -23.71
N LYS A 358 5.23 10.44 -23.32
CA LYS A 358 5.81 10.39 -22.00
C LYS A 358 7.18 9.72 -22.03
N LYS A 359 7.99 10.06 -21.01
CA LYS A 359 9.19 9.32 -20.66
C LYS A 359 8.75 8.19 -19.73
N ILE A 360 8.78 6.95 -20.25
CA ILE A 360 8.31 5.76 -19.56
C ILE A 360 9.55 4.94 -19.21
N PRO A 361 9.93 4.86 -17.91
CA PRO A 361 11.06 4.03 -17.49
C PRO A 361 10.80 2.59 -17.88
N CYS A 362 11.84 1.94 -18.43
CA CYS A 362 11.65 0.62 -19.00
C CYS A 362 13.00 -0.09 -19.12
N ILE A 363 13.00 -1.24 -19.79
CA ILE A 363 14.18 -2.07 -19.99
C ILE A 363 14.85 -1.66 -21.29
N LYS A 364 16.17 -1.43 -21.25
CA LYS A 364 16.96 -1.11 -22.45
C LYS A 364 16.89 -2.30 -23.41
N GLU A 365 16.00 -2.20 -24.41
CA GLU A 365 15.44 -3.34 -25.12
C GLU A 365 16.55 -4.13 -25.84
N GLY A 366 17.20 -5.02 -25.07
CA GLY A 366 18.46 -5.62 -25.46
C GLY A 366 19.24 -6.08 -24.24
N THR A 367 19.86 -5.14 -23.51
CA THR A 367 20.58 -5.41 -22.27
C THR A 367 19.65 -6.04 -21.23
N GLY A 368 18.48 -5.41 -21.04
CA GLY A 368 17.61 -5.68 -19.90
C GLY A 368 17.92 -4.77 -18.72
N GLU A 369 18.78 -3.78 -18.94
CA GLU A 369 19.10 -2.75 -17.97
C GLU A 369 17.90 -1.81 -17.86
N PHE A 370 17.46 -1.53 -16.62
CA PHE A 370 16.40 -0.56 -16.34
C PHE A 370 16.94 0.84 -16.58
N PHE A 371 16.24 1.64 -17.38
CA PHE A 371 16.71 3.00 -17.63
C PHE A 371 15.54 3.98 -17.69
N LYS A 372 15.75 5.14 -17.03
CA LYS A 372 14.89 6.30 -17.20
C LYS A 372 15.35 7.00 -18.48
N PRO A 373 14.50 7.09 -19.53
CA PRO A 373 14.91 7.72 -20.79
C PRO A 373 15.00 9.24 -20.69
N GLU A 374 15.80 9.82 -21.60
CA GLU A 374 16.14 11.24 -21.60
C GLU A 374 15.06 12.04 -22.34
N LYS A 375 14.55 11.48 -23.44
CA LYS A 375 13.42 12.03 -24.15
C LYS A 375 12.25 11.04 -24.19
N PRO A 376 11.00 11.51 -24.42
CA PRO A 376 9.84 10.64 -24.57
C PRO A 376 10.10 9.47 -25.51
N ASN A 377 9.95 8.26 -24.94
CA ASN A 377 10.15 7.01 -25.66
C ASN A 377 8.81 6.34 -25.99
N GLY A 378 7.70 6.87 -25.45
CA GLY A 378 6.41 6.32 -25.83
C GLY A 378 5.25 7.19 -25.37
N ILE A 379 4.08 6.54 -25.25
CA ILE A 379 2.80 7.22 -25.09
C ILE A 379 1.96 6.45 -24.07
N LYS A 380 1.12 7.20 -23.33
CA LYS A 380 0.05 6.64 -22.54
C LYS A 380 -1.23 7.13 -23.17
N LEU A 381 -2.23 6.27 -23.05
CA LEU A 381 -3.57 6.49 -23.57
C LEU A 381 -4.50 6.69 -22.38
N GLU A 382 -5.43 7.63 -22.56
CA GLU A 382 -6.34 8.03 -21.48
C GLU A 382 -7.70 8.36 -22.05
N GLN A 383 -8.73 8.00 -21.30
CA GLN A 383 -10.09 8.43 -21.64
C GLN A 383 -10.47 9.54 -20.66
N PHE A 384 -11.33 10.44 -21.13
CA PHE A 384 -11.67 11.62 -20.36
C PHE A 384 -13.17 11.61 -20.00
N VAL A 385 -13.45 11.92 -18.75
CA VAL A 385 -14.78 11.78 -18.16
C VAL A 385 -15.81 12.55 -18.99
N PHE A 386 -15.42 13.72 -19.54
CA PHE A 386 -16.37 14.56 -20.23
C PHE A 386 -16.66 14.09 -21.65
N ASP A 387 -16.00 13.04 -22.14
CA ASP A 387 -16.24 12.61 -23.53
C ASP A 387 -17.59 11.92 -23.70
N VAL A 388 -18.37 11.77 -22.64
CA VAL A 388 -19.75 11.38 -22.80
C VAL A 388 -20.63 12.56 -23.24
N PHE A 389 -20.16 13.80 -23.15
CA PHE A 389 -21.10 14.90 -23.31
C PHE A 389 -21.80 14.84 -24.69
N PRO A 390 -21.10 14.55 -25.82
CA PRO A 390 -21.79 14.32 -27.12
C PRO A 390 -22.75 13.15 -27.34
N MET A 391 -22.80 12.18 -26.45
CA MET A 391 -23.82 11.14 -26.50
C MET A 391 -25.18 11.65 -26.03
N THR A 392 -25.16 12.86 -25.42
CA THR A 392 -26.30 13.41 -24.71
C THR A 392 -26.99 14.50 -25.54
N PRO A 393 -28.31 14.38 -25.75
CA PRO A 393 -29.08 15.42 -26.42
C PRO A 393 -28.94 16.71 -25.61
N LEU A 394 -28.82 17.84 -26.29
CA LEU A 394 -28.73 19.18 -25.72
C LEU A 394 -29.82 19.42 -24.65
N GLU A 395 -31.01 18.83 -24.86
CA GLU A 395 -32.12 19.04 -23.96
C GLU A 395 -31.97 18.19 -22.69
N LYS A 396 -31.01 17.25 -22.66
CA LYS A 396 -30.82 16.36 -21.52
C LYS A 396 -29.49 16.71 -20.84
N PHE A 397 -28.98 17.91 -21.16
CA PHE A 397 -27.72 18.48 -20.68
C PHE A 397 -27.93 19.87 -20.07
N ALA A 398 -27.23 20.16 -18.96
CA ALA A 398 -27.19 21.50 -18.37
C ALA A 398 -25.77 21.87 -17.91
N CYS A 399 -25.29 23.10 -18.21
CA CYS A 399 -24.02 23.69 -17.81
C CYS A 399 -24.30 24.93 -16.98
N ILE A 400 -23.92 24.89 -15.70
CA ILE A 400 -24.23 25.96 -14.75
C ILE A 400 -22.97 26.66 -14.31
N GLU A 401 -22.96 28.00 -14.43
CA GLU A 401 -21.94 28.82 -13.87
C GLU A 401 -22.17 28.98 -12.36
N VAL A 402 -21.08 28.75 -11.62
CA VAL A 402 -20.99 28.97 -10.18
C VAL A 402 -19.84 29.93 -9.91
N ARG A 403 -19.74 30.32 -8.62
CA ARG A 403 -18.74 31.28 -8.18
C ARG A 403 -17.44 30.58 -7.84
N ARG A 404 -16.37 30.91 -8.55
CA ARG A 404 -15.07 30.34 -8.24
C ARG A 404 -14.71 30.39 -6.75
N GLU A 405 -14.87 31.57 -6.11
CA GLU A 405 -14.41 31.77 -4.74
C GLU A 405 -15.19 30.88 -3.75
N ASP A 406 -16.33 30.34 -4.19
CA ASP A 406 -17.11 29.48 -3.31
C ASP A 406 -16.98 28.01 -3.71
N GLU A 407 -16.52 27.69 -4.91
CA GLU A 407 -16.75 26.36 -5.46
C GLU A 407 -15.52 25.71 -6.07
N PHE A 408 -14.44 26.46 -6.31
CA PHE A 408 -13.34 25.94 -7.12
C PHE A 408 -11.99 26.52 -6.67
N SER A 409 -11.21 25.65 -6.05
CA SER A 409 -9.88 25.99 -5.57
C SER A 409 -9.00 24.76 -5.68
N PRO A 410 -8.47 24.47 -6.89
CA PRO A 410 -7.76 23.20 -7.14
C PRO A 410 -6.36 23.19 -6.52
N LEU A 411 -5.99 22.03 -5.97
CA LEU A 411 -4.62 21.79 -5.52
C LEU A 411 -3.89 21.07 -6.64
N LYS A 412 -3.09 21.82 -7.39
CA LYS A 412 -2.37 21.23 -8.52
C LYS A 412 -0.88 21.23 -8.28
N ASN A 413 -0.35 22.33 -7.73
CA ASN A 413 1.08 22.60 -7.68
C ASN A 413 1.60 22.57 -6.25
N ALA A 414 2.92 22.32 -6.12
CA ALA A 414 3.58 22.31 -4.84
C ALA A 414 3.62 23.72 -4.27
N ARG A 415 3.85 23.75 -2.96
CA ARG A 415 4.02 24.99 -2.23
C ARG A 415 5.13 25.80 -2.88
N GLY A 416 4.89 27.10 -2.98
CA GLY A 416 5.88 28.02 -3.51
C GLY A 416 5.72 28.27 -4.99
N THR A 417 4.70 27.66 -5.59
CA THR A 417 4.40 27.89 -7.00
C THR A 417 3.76 29.27 -7.17
N GLY A 418 2.77 29.59 -6.33
CA GLY A 418 2.07 30.87 -6.39
C GLY A 418 0.60 30.77 -6.79
N GLU A 419 0.20 29.65 -7.40
CA GLU A 419 -1.20 29.47 -7.80
C GLU A 419 -1.58 27.99 -7.80
N ASP A 420 -2.86 27.74 -7.49
CA ASP A 420 -3.40 26.38 -7.48
C ASP A 420 -2.49 25.49 -6.63
N ASP A 421 -2.14 25.99 -5.44
CA ASP A 421 -1.19 25.37 -4.56
C ASP A 421 -1.80 25.30 -3.16
N PRO A 422 -1.10 24.72 -2.17
CA PRO A 422 -1.59 24.65 -0.80
C PRO A 422 -1.97 26.00 -0.20
N ASP A 423 -1.21 27.05 -0.53
CA ASP A 423 -1.48 28.36 0.06
C ASP A 423 -2.73 29.03 -0.53
N THR A 424 -2.95 28.90 -1.83
CA THR A 424 -4.16 29.44 -2.45
C THR A 424 -5.39 28.67 -1.95
N SER A 425 -5.22 27.36 -1.78
CA SER A 425 -6.27 26.47 -1.27
C SER A 425 -6.65 26.90 0.14
N LYS A 426 -5.63 27.07 0.99
CA LYS A 426 -5.88 27.48 2.38
C LYS A 426 -6.54 28.85 2.41
N ARG A 427 -6.01 29.81 1.64
CA ARG A 427 -6.56 31.16 1.65
C ARG A 427 -8.03 31.12 1.22
N ASP A 428 -8.33 30.34 0.18
CA ASP A 428 -9.69 30.27 -0.37
C ASP A 428 -10.68 29.69 0.64
N ILE A 429 -10.29 28.65 1.38
CA ILE A 429 -11.17 28.10 2.39
C ILE A 429 -11.39 29.09 3.54
N MET A 430 -10.31 29.73 3.99
CA MET A 430 -10.41 30.59 5.17
C MET A 430 -11.06 31.94 4.81
N SER A 431 -10.98 32.34 3.54
CA SER A 431 -11.70 33.50 3.04
C SER A 431 -13.19 33.19 2.99
N GLN A 432 -13.55 32.00 2.52
CA GLN A 432 -14.93 31.53 2.53
C GLN A 432 -15.52 31.56 3.94
N GLY A 433 -14.77 31.03 4.91
CA GLY A 433 -15.16 30.98 6.30
C GLY A 433 -15.50 32.35 6.88
N GLN A 434 -14.57 33.30 6.68
CA GLN A 434 -14.74 34.66 7.15
C GLN A 434 -16.01 35.27 6.54
N ARG A 435 -16.19 35.14 5.20
CA ARG A 435 -17.33 35.69 4.51
C ARG A 435 -18.63 35.14 5.10
N TRP A 436 -18.68 33.82 5.35
CA TRP A 436 -19.88 33.23 5.93
C TRP A 436 -20.19 33.79 7.31
N ILE A 437 -19.13 33.96 8.10
CA ILE A 437 -19.29 34.44 9.48
C ILE A 437 -19.84 35.86 9.43
N GLU A 438 -19.22 36.69 8.59
CA GLU A 438 -19.60 38.08 8.43
C GLU A 438 -21.07 38.19 8.02
N LYS A 439 -21.51 37.33 7.10
CA LYS A 439 -22.86 37.38 6.59
C LYS A 439 -23.88 37.03 7.68
N ALA A 440 -23.49 36.14 8.61
CA ALA A 440 -24.31 35.77 9.74
C ALA A 440 -24.25 36.79 10.87
N GLY A 441 -23.43 37.83 10.72
CA GLY A 441 -23.41 38.89 11.73
C GLY A 441 -22.20 38.81 12.65
N GLY A 442 -21.30 37.84 12.42
CA GLY A 442 -20.07 37.78 13.17
C GLY A 442 -19.10 38.89 12.74
N ILE A 443 -18.25 39.31 13.69
CA ILE A 443 -17.21 40.30 13.40
C ILE A 443 -15.87 39.60 13.52
N VAL A 444 -15.09 39.62 12.44
CA VAL A 444 -13.79 38.96 12.46
C VAL A 444 -12.69 40.03 12.63
N ILE A 445 -11.83 39.84 13.65
CA ILE A 445 -10.74 40.75 13.98
C ILE A 445 -9.42 40.13 13.52
N THR A 446 -8.64 40.89 12.74
CA THR A 446 -7.49 40.36 12.03
C THR A 446 -6.41 41.43 11.94
N VAL A 451 -4.94 35.22 7.88
CA VAL A 451 -6.21 35.87 7.45
C VAL A 451 -7.31 34.82 7.23
N GLY A 452 -8.50 35.18 7.69
CA GLY A 452 -9.69 34.39 7.50
C GLY A 452 -9.93 33.45 8.66
N VAL A 453 -10.93 32.60 8.45
CA VAL A 453 -11.40 31.73 9.52
C VAL A 453 -11.79 30.42 8.87
N GLU A 454 -11.30 29.31 9.42
CA GLU A 454 -11.72 28.00 8.94
C GLU A 454 -13.01 27.61 9.69
N VAL A 455 -14.08 27.33 8.93
CA VAL A 455 -15.32 26.85 9.52
C VAL A 455 -15.42 25.36 9.18
N SER A 456 -15.52 24.50 10.22
CA SER A 456 -15.67 23.07 10.01
C SER A 456 -16.92 22.79 9.19
N PRO A 457 -16.92 21.82 8.23
CA PRO A 457 -18.17 21.46 7.56
C PRO A 457 -19.25 20.92 8.50
N LEU A 458 -18.82 20.37 9.66
CA LEU A 458 -19.77 19.85 10.63
C LEU A 458 -20.51 20.98 11.34
N ILE A 459 -19.96 22.20 11.30
CA ILE A 459 -20.67 23.38 11.76
C ILE A 459 -21.52 24.02 10.66
N SER A 460 -20.96 24.16 9.44
CA SER A 460 -21.69 24.73 8.32
C SER A 460 -21.22 24.08 7.02
N TYR A 461 -22.18 23.54 6.28
CA TYR A 461 -21.89 22.97 4.97
C TYR A 461 -21.60 24.06 3.95
N GLY A 462 -22.43 25.11 3.97
CA GLY A 462 -22.45 26.10 2.89
C GLY A 462 -22.73 27.52 3.39
N GLY A 463 -22.58 27.78 4.68
CA GLY A 463 -22.79 29.11 5.24
C GLY A 463 -24.00 29.18 6.15
N GLU A 464 -24.80 28.10 6.19
CA GLU A 464 -25.95 28.03 7.04
C GLU A 464 -25.54 27.70 8.47
N GLY A 465 -26.41 28.01 9.41
CA GLY A 465 -26.26 27.53 10.77
C GLY A 465 -25.28 28.33 11.61
N LEU A 466 -24.93 29.56 11.19
CA LEU A 466 -23.89 30.31 11.88
C LEU A 466 -24.50 31.47 12.70
N GLU A 467 -25.83 31.49 12.81
CA GLU A 467 -26.54 32.58 13.50
C GLU A 467 -26.02 32.75 14.92
N PHE A 468 -25.57 31.65 15.53
CA PHE A 468 -25.08 31.73 16.90
C PHE A 468 -23.86 32.65 17.02
N LEU A 469 -23.24 33.04 15.88
CA LEU A 469 -22.11 33.96 15.93
C LEU A 469 -22.58 35.42 15.79
N LYS A 470 -23.87 35.67 15.62
CA LYS A 470 -24.34 37.03 15.42
C LYS A 470 -23.88 37.90 16.60
N GLY A 471 -23.18 39.00 16.29
CA GLY A 471 -22.72 39.94 17.29
C GLY A 471 -21.39 39.55 17.95
N ARG A 472 -20.88 38.33 17.70
CA ARG A 472 -19.66 37.88 18.35
C ARG A 472 -18.42 38.43 17.64
N GLU A 473 -17.32 38.60 18.39
CA GLU A 473 -16.02 38.99 17.84
C GLU A 473 -15.11 37.79 17.72
N ILE A 474 -14.64 37.46 16.51
CA ILE A 474 -13.77 36.30 16.30
C ILE A 474 -12.39 36.81 15.88
N LYS A 475 -11.34 36.37 16.61
CA LYS A 475 -9.96 36.78 16.37
C LYS A 475 -9.34 35.83 15.33
N ALA A 476 -9.03 36.36 14.13
CA ALA A 476 -8.44 35.58 13.05
C ALA A 476 -6.90 35.54 13.14
N PRO A 477 -6.20 34.48 12.63
CA PRO A 477 -6.84 33.25 12.15
C PRO A 477 -7.55 32.48 13.26
N ALA A 478 -8.71 31.89 12.89
CA ALA A 478 -9.51 31.09 13.81
C ALA A 478 -9.95 29.80 13.09
N PHE A 479 -10.46 28.86 13.91
CA PHE A 479 -11.09 27.61 13.51
C PHE A 479 -12.36 27.40 14.35
N ILE A 480 -13.53 27.45 13.67
CA ILE A 480 -14.82 27.19 14.29
C ILE A 480 -15.12 25.70 14.12
N GLU A 481 -15.32 24.98 15.25
CA GLU A 481 -15.67 23.55 15.30
C GLU A 481 -16.67 23.25 16.43
N LYS A 482 -17.06 21.97 16.56
CA LYS A 482 -17.84 21.44 17.68
C LYS A 482 -17.72 22.34 18.92
N PRO B 2 47.56 -28.36 10.96
CA PRO B 2 47.43 -29.83 10.85
C PRO B 2 48.67 -30.54 10.27
N SER B 3 48.83 -31.79 10.70
CA SER B 3 49.88 -32.68 10.21
C SER B 3 49.53 -33.19 8.81
N ALA B 4 50.57 -33.64 8.08
CA ALA B 4 50.36 -34.24 6.77
C ALA B 4 49.40 -35.42 6.93
N GLU B 5 49.58 -36.25 7.96
CA GLU B 5 48.76 -37.45 8.08
C GLU B 5 47.30 -37.02 8.33
N GLU B 6 47.12 -35.95 9.11
CA GLU B 6 45.76 -35.51 9.49
C GLU B 6 45.07 -34.98 8.24
N PHE B 7 45.81 -34.16 7.50
CA PHE B 7 45.33 -33.54 6.29
C PHE B 7 45.01 -34.61 5.23
N GLN B 8 45.84 -35.65 5.10
CA GLN B 8 45.52 -36.70 4.11
C GLN B 8 44.28 -37.50 4.51
N GLN B 9 44.13 -37.78 5.80
CA GLN B 9 42.96 -38.50 6.28
C GLN B 9 41.69 -37.75 5.90
N LEU B 10 41.73 -36.40 6.00
CA LEU B 10 40.60 -35.56 5.65
C LEU B 10 40.37 -35.61 4.15
N ARG B 11 41.46 -35.47 3.40
CA ARG B 11 41.40 -35.48 1.95
C ARG B 11 40.80 -36.80 1.44
N LYS B 12 41.16 -37.93 2.07
CA LYS B 12 40.63 -39.24 1.69
C LYS B 12 39.13 -39.30 1.96
N LYS B 13 38.68 -38.80 3.12
CA LYS B 13 37.27 -38.83 3.48
C LYS B 13 36.43 -38.07 2.44
N TYR B 14 36.91 -36.90 2.03
CA TYR B 14 36.20 -36.08 1.06
C TYR B 14 36.25 -36.74 -0.32
N THR B 15 37.41 -37.32 -0.68
CA THR B 15 37.57 -37.92 -2.01
C THR B 15 36.69 -39.15 -2.14
N ASP B 16 36.63 -39.96 -1.09
CA ASP B 16 35.79 -41.14 -1.08
C ASP B 16 34.33 -40.70 -1.23
N ALA B 17 33.99 -39.54 -0.69
CA ALA B 17 32.64 -38.99 -0.79
C ALA B 17 32.36 -38.25 -2.09
N GLY B 18 33.25 -38.30 -3.09
CA GLY B 18 33.04 -37.63 -4.35
C GLY B 18 33.20 -36.10 -4.30
N GLN B 19 33.86 -35.61 -3.25
CA GLN B 19 34.00 -34.18 -3.02
C GLN B 19 35.49 -33.82 -2.99
N GLY B 20 36.33 -34.59 -3.72
CA GLY B 20 37.77 -34.36 -3.76
C GLY B 20 38.22 -33.05 -4.38
N HIS B 21 37.37 -32.48 -5.23
CA HIS B 21 37.65 -31.25 -5.95
C HIS B 21 37.89 -30.07 -4.99
N VAL B 22 37.45 -30.16 -3.72
CA VAL B 22 37.68 -29.06 -2.78
C VAL B 22 39.18 -28.92 -2.47
N PHE B 23 39.98 -29.95 -2.81
CA PHE B 23 41.41 -29.91 -2.53
C PHE B 23 42.21 -29.57 -3.79
N ALA B 24 41.52 -29.10 -4.84
CA ALA B 24 42.16 -28.91 -6.13
C ALA B 24 43.26 -27.84 -6.12
N PHE B 25 43.26 -26.90 -5.16
CA PHE B 25 44.19 -25.77 -5.21
C PHE B 25 45.23 -25.84 -4.09
N VAL B 26 45.29 -26.99 -3.42
CA VAL B 26 46.06 -27.17 -2.20
C VAL B 26 47.55 -26.94 -2.44
N ASP B 27 48.02 -27.11 -3.68
CA ASP B 27 49.44 -26.96 -3.97
C ASP B 27 49.85 -25.50 -3.85
N GLU B 28 48.96 -24.58 -4.24
CA GLU B 28 49.30 -23.17 -4.34
C GLU B 28 48.80 -22.39 -3.13
N LEU B 29 48.56 -23.06 -1.99
CA LEU B 29 48.11 -22.39 -0.78
C LEU B 29 49.29 -22.18 0.16
N GLN B 30 49.23 -21.10 0.97
CA GLN B 30 50.09 -20.90 2.12
C GLN B 30 49.64 -21.75 3.31
N THR B 31 50.53 -21.97 4.28
CA THR B 31 50.23 -22.83 5.41
C THR B 31 48.94 -22.40 6.11
N GLY B 32 48.80 -21.08 6.34
CA GLY B 32 47.64 -20.51 7.00
C GLY B 32 46.34 -20.82 6.24
N GLU B 33 46.39 -20.67 4.91
CA GLU B 33 45.24 -20.93 4.06
C GLU B 33 44.88 -22.42 4.04
N ARG B 34 45.89 -23.31 3.94
CA ARG B 34 45.68 -24.76 3.98
C ARG B 34 45.10 -25.13 5.34
N SER B 35 45.60 -24.47 6.39
CA SER B 35 45.11 -24.67 7.74
C SER B 35 43.63 -24.30 7.84
N GLN B 36 43.27 -23.14 7.26
CA GLN B 36 41.90 -22.65 7.29
C GLN B 36 40.98 -23.66 6.58
N LEU B 37 41.39 -24.08 5.36
CA LEU B 37 40.66 -25.06 4.55
C LEU B 37 40.43 -26.34 5.35
N PHE B 38 41.49 -26.87 5.99
CA PHE B 38 41.39 -28.07 6.83
C PHE B 38 40.33 -27.89 7.92
N HIS B 39 40.37 -26.77 8.63
CA HIS B 39 39.49 -26.61 9.78
C HIS B 39 38.04 -26.49 9.31
N GLN B 40 37.82 -25.74 8.23
CA GLN B 40 36.47 -25.58 7.70
C GLN B 40 35.92 -26.90 7.17
N LEU B 41 36.73 -27.64 6.40
CA LEU B 41 36.26 -28.91 5.87
C LEU B 41 36.02 -29.91 7.00
N SER B 42 36.82 -29.82 8.08
CA SER B 42 36.64 -30.72 9.21
C SER B 42 35.30 -30.46 9.93
N SER B 43 34.67 -29.31 9.68
CA SER B 43 33.43 -28.97 10.37
C SER B 43 32.17 -29.54 9.71
N PHE B 44 32.32 -30.13 8.51
CA PHE B 44 31.21 -30.72 7.75
C PHE B 44 31.51 -32.20 7.49
N ASP B 45 30.44 -33.01 7.44
CA ASP B 45 30.51 -34.42 7.11
C ASP B 45 30.07 -34.55 5.66
N PRO B 46 30.99 -34.76 4.69
CA PRO B 46 30.61 -34.78 3.26
C PRO B 46 29.58 -35.86 2.94
N VAL B 47 29.48 -36.91 3.75
CA VAL B 47 28.47 -37.94 3.56
C VAL B 47 27.07 -37.41 3.91
N ARG B 48 26.96 -36.55 4.94
CA ARG B 48 25.69 -35.92 5.26
C ARG B 48 25.35 -34.91 4.17
N ILE B 49 26.35 -34.18 3.71
CA ILE B 49 26.15 -33.25 2.60
C ILE B 49 25.61 -34.01 1.38
N ASN B 50 26.18 -35.19 1.08
CA ASN B 50 25.68 -35.97 -0.04
C ASN B 50 24.22 -36.38 0.13
N GLU B 51 23.86 -36.81 1.33
CA GLU B 51 22.51 -37.23 1.69
C GLU B 51 21.53 -36.08 1.43
N LEU B 52 21.85 -34.87 1.91
CA LEU B 52 20.95 -33.71 1.77
C LEU B 52 20.85 -33.29 0.31
N ALA B 53 22.00 -33.25 -0.40
CA ALA B 53 21.97 -32.88 -1.81
C ALA B 53 21.14 -33.90 -2.60
N ASP B 54 21.31 -35.18 -2.31
CA ASP B 54 20.57 -36.21 -3.03
C ASP B 54 19.05 -36.05 -2.82
N LYS B 55 18.64 -35.78 -1.59
CA LYS B 55 17.22 -35.64 -1.28
C LYS B 55 16.67 -34.34 -1.86
N ALA B 56 17.51 -33.32 -1.95
CA ALA B 56 17.08 -32.02 -2.47
C ALA B 56 17.01 -32.03 -4.00
N LEU B 57 17.99 -32.71 -4.64
CA LEU B 57 18.09 -32.73 -6.09
C LEU B 57 17.24 -33.84 -6.70
N ASN B 58 16.91 -34.85 -5.90
CA ASN B 58 16.06 -35.94 -6.34
C ASN B 58 14.98 -36.11 -5.27
N PRO B 59 14.02 -35.15 -5.14
CA PRO B 59 13.00 -35.22 -4.09
C PRO B 59 11.88 -36.18 -4.46
N PRO B 60 10.98 -36.53 -3.52
CA PRO B 60 9.70 -37.17 -3.86
C PRO B 60 8.85 -36.35 -4.84
N LYS B 61 8.07 -37.08 -5.67
CA LYS B 61 7.33 -36.51 -6.79
C LYS B 61 6.07 -35.82 -6.28
N ALA B 62 5.08 -36.63 -5.86
CA ALA B 62 3.89 -36.22 -5.11
C ALA B 62 3.07 -35.16 -5.84
N ASP B 63 1.84 -34.94 -5.33
CA ASP B 63 0.87 -33.99 -5.88
C ASP B 63 0.48 -34.39 -7.30
N ASP B 64 -0.29 -35.49 -7.40
CA ASP B 64 -0.74 -36.03 -8.67
C ASP B 64 -1.57 -34.99 -9.43
N GLY B 65 -2.46 -34.29 -8.70
CA GLY B 65 -3.32 -33.26 -9.27
C GLY B 65 -3.24 -31.94 -8.49
N PRO B 66 -4.10 -30.94 -8.80
CA PRO B 66 -4.05 -29.63 -8.14
C PRO B 66 -4.60 -29.60 -6.71
N ALA B 67 -4.17 -28.60 -5.92
CA ALA B 67 -4.56 -28.52 -4.52
C ALA B 67 -5.94 -27.87 -4.40
N SER B 68 -6.67 -28.18 -3.33
CA SER B 68 -7.85 -27.40 -2.97
C SER B 68 -7.45 -26.39 -1.90
N LEU B 69 -7.80 -25.15 -2.19
CA LEU B 69 -7.44 -24.03 -1.37
C LEU B 69 -8.73 -23.47 -0.80
N GLU B 70 -8.69 -23.23 0.51
CA GLU B 70 -9.76 -22.58 1.23
C GLU B 70 -9.14 -21.60 2.25
N PRO B 71 -9.83 -20.49 2.59
CA PRO B 71 -9.35 -19.65 3.69
C PRO B 71 -9.36 -20.45 4.99
N LEU B 72 -8.49 -20.06 5.92
CA LEU B 72 -8.52 -20.57 7.29
C LEU B 72 -9.95 -20.39 7.84
N PRO B 73 -10.42 -21.30 8.70
CA PRO B 73 -11.79 -21.21 9.21
C PRO B 73 -11.89 -20.03 10.14
N ASP B 74 -13.10 -19.49 10.30
CA ASP B 74 -13.35 -18.32 11.14
C ASP B 74 -12.87 -18.50 12.56
N ILE B 75 -13.05 -19.71 13.12
CA ILE B 75 -12.60 -19.97 14.47
C ILE B 75 -11.08 -19.75 14.62
N ALA B 76 -10.30 -19.85 13.54
CA ALA B 76 -8.86 -19.80 13.64
C ALA B 76 -8.33 -18.39 13.41
N THR B 77 -9.20 -17.45 13.02
CA THR B 77 -8.74 -16.15 12.57
C THR B 77 -9.26 -15.03 13.46
N ALA B 78 -8.50 -13.93 13.50
CA ALA B 78 -8.98 -12.67 14.02
C ALA B 78 -8.37 -11.54 13.19
N SER B 79 -8.75 -10.29 13.49
CA SER B 79 -8.29 -9.14 12.73
C SER B 79 -8.28 -7.90 13.60
N ILE B 80 -7.19 -7.13 13.55
CA ILE B 80 -7.16 -5.83 14.20
C ILE B 80 -8.21 -4.92 13.54
N LEU B 81 -8.43 -5.16 12.25
CA LEU B 81 -9.29 -4.29 11.46
C LEU B 81 -10.74 -4.60 11.78
N ASP B 82 -11.09 -5.88 11.92
CA ASP B 82 -12.49 -6.28 11.88
C ASP B 82 -12.98 -6.92 13.18
N SER B 83 -12.09 -7.37 14.06
CA SER B 83 -12.53 -8.04 15.26
C SER B 83 -13.16 -6.99 16.19
N ASP B 84 -13.95 -7.49 17.12
CA ASP B 84 -14.55 -6.67 18.18
C ASP B 84 -13.46 -5.99 19.00
N PRO B 85 -13.50 -4.64 19.17
CA PRO B 85 -12.57 -3.93 20.04
C PRO B 85 -12.46 -4.50 21.46
N LYS B 86 -13.57 -5.06 21.99
CA LYS B 86 -13.55 -5.65 23.33
C LYS B 86 -12.63 -6.87 23.35
N ASP B 87 -12.64 -7.68 22.28
CA ASP B 87 -11.74 -8.83 22.19
C ASP B 87 -10.30 -8.38 22.05
N LEU B 88 -10.04 -7.36 21.21
CA LEU B 88 -8.70 -6.81 21.05
C LEU B 88 -8.14 -6.27 22.37
N GLU B 89 -8.95 -5.52 23.16
CA GLU B 89 -8.42 -4.98 24.43
C GLU B 89 -8.14 -6.13 25.42
N GLN B 90 -9.02 -7.14 25.42
CA GLN B 90 -8.87 -8.30 26.29
C GLN B 90 -7.57 -9.03 25.94
N TRP B 91 -7.32 -9.25 24.65
CA TRP B 91 -6.07 -9.92 24.27
C TRP B 91 -4.83 -9.11 24.64
N TYR B 92 -4.86 -7.79 24.47
CA TYR B 92 -3.74 -6.96 24.84
C TYR B 92 -3.40 -7.11 26.34
N GLU B 93 -4.44 -6.93 27.18
CA GLU B 93 -4.28 -6.99 28.63
C GLU B 93 -3.72 -8.36 29.05
N GLU B 94 -4.30 -9.43 28.51
CA GLU B 94 -3.89 -10.80 28.80
C GLU B 94 -2.45 -11.05 28.34
N GLY B 95 -2.06 -10.50 27.18
CA GLY B 95 -0.71 -10.63 26.69
C GLY B 95 0.29 -9.84 27.53
N LEU B 96 -0.13 -8.68 28.07
CA LEU B 96 0.75 -7.88 28.91
C LEU B 96 0.95 -8.57 30.28
N LYS B 97 -0.04 -9.31 30.70
CA LYS B 97 0.01 -10.04 31.95
C LYS B 97 1.05 -11.17 31.81
N LEU B 98 1.09 -11.81 30.64
CA LEU B 98 2.10 -12.84 30.35
C LEU B 98 3.51 -12.27 30.29
N VAL B 99 3.69 -11.10 29.69
CA VAL B 99 4.98 -10.46 29.74
C VAL B 99 5.41 -10.19 31.18
N ALA B 100 4.44 -9.75 32.00
CA ALA B 100 4.73 -9.29 33.35
C ALA B 100 5.14 -10.48 34.23
N GLY B 101 4.59 -11.66 33.93
CA GLY B 101 5.01 -12.92 34.55
C GLY B 101 6.30 -13.51 33.97
N ASN B 102 7.05 -12.74 33.15
CA ASN B 102 8.36 -13.18 32.67
C ASN B 102 8.23 -14.44 31.81
N LYS B 103 7.04 -14.63 31.18
CA LYS B 103 6.68 -15.83 30.43
C LYS B 103 6.85 -15.70 28.91
N VAL B 104 7.35 -14.56 28.45
CA VAL B 104 7.46 -14.28 27.04
C VAL B 104 8.91 -14.06 26.64
N ALA B 105 9.25 -14.76 25.52
CA ALA B 105 10.55 -14.72 24.87
C ALA B 105 10.37 -14.34 23.39
N VAL B 106 11.42 -13.72 22.83
CA VAL B 106 11.50 -13.37 21.43
C VAL B 106 12.69 -14.13 20.84
N VAL B 107 12.53 -14.67 19.61
CA VAL B 107 13.65 -15.13 18.81
C VAL B 107 13.68 -14.29 17.55
N LEU B 108 14.79 -13.56 17.38
CA LEU B 108 15.04 -12.68 16.27
C LEU B 108 15.79 -13.46 15.20
N MET B 109 15.22 -13.52 14.00
CA MET B 109 15.99 -14.03 12.85
C MET B 109 16.79 -12.85 12.29
N ALA B 110 18.08 -12.80 12.66
CA ALA B 110 18.89 -11.63 12.38
C ALA B 110 19.72 -11.83 11.11
N GLY B 111 19.70 -13.07 10.59
CA GLY B 111 20.72 -13.62 9.72
C GLY B 111 21.35 -12.58 8.79
N GLY B 112 20.50 -11.97 7.97
CA GLY B 112 20.89 -11.04 6.92
C GLY B 112 22.16 -10.24 7.24
N GLN B 113 23.15 -10.36 6.34
CA GLN B 113 24.22 -9.40 6.21
C GLN B 113 23.77 -8.36 5.17
N GLY B 114 23.77 -7.08 5.55
CA GLY B 114 23.25 -6.02 4.69
C GLY B 114 24.13 -5.78 3.47
N THR B 115 24.12 -6.74 2.53
CA THR B 115 24.78 -6.61 1.24
C THR B 115 23.74 -6.30 0.16
N ARG B 116 22.62 -7.04 0.15
CA ARG B 116 21.58 -6.88 -0.86
C ARG B 116 20.98 -5.47 -0.79
N LEU B 117 21.32 -4.71 0.26
CA LEU B 117 20.97 -3.31 0.38
C LEU B 117 21.92 -2.48 -0.49
N SER B 120 28.51 -6.67 4.00
CA SER B 120 29.04 -5.76 5.06
C SER B 120 28.50 -6.16 6.44
N ALA B 121 27.69 -5.27 7.04
CA ALA B 121 27.39 -5.35 8.46
C ALA B 121 26.23 -6.32 8.71
N PRO B 122 25.93 -6.65 9.99
CA PRO B 122 24.63 -7.23 10.34
C PRO B 122 23.51 -6.31 9.87
N LYS B 123 22.41 -6.91 9.40
CA LYS B 123 21.29 -6.12 8.88
C LYS B 123 20.70 -5.26 10.00
N GLY B 124 20.72 -5.80 11.22
CA GLY B 124 20.28 -5.10 12.41
C GLY B 124 20.95 -3.75 12.65
N CYS B 125 22.23 -3.62 12.26
CA CYS B 125 22.97 -2.37 12.44
C CYS B 125 22.48 -1.27 11.53
N PHE B 126 21.70 -1.61 10.49
CA PHE B 126 21.38 -0.64 9.46
C PHE B 126 20.65 0.60 10.02
N ASP B 127 21.06 1.77 9.52
CA ASP B 127 20.46 3.06 9.86
C ASP B 127 19.61 3.51 8.68
N ILE B 128 18.28 3.58 8.89
CA ILE B 128 17.40 3.81 7.77
C ILE B 128 17.29 5.31 7.49
N GLY B 129 17.90 6.12 8.36
CA GLY B 129 17.97 7.56 8.15
C GLY B 129 16.93 8.31 8.99
N LEU B 130 16.47 7.70 10.07
CA LEU B 130 15.64 8.39 11.05
C LEU B 130 16.47 9.55 11.61
N PRO B 131 15.86 10.69 12.03
CA PRO B 131 16.61 11.78 12.64
C PRO B 131 17.54 11.24 13.72
N SER B 132 17.01 10.32 14.54
CA SER B 132 17.69 9.77 15.69
C SER B 132 18.91 8.97 15.30
N HIS B 133 18.99 8.56 14.02
CA HIS B 133 20.08 7.76 13.51
C HIS B 133 20.10 6.36 14.14
N LYS B 134 19.03 5.92 14.82
CA LYS B 134 19.05 4.63 15.50
C LYS B 134 19.01 3.47 14.51
N SER B 135 19.64 2.37 14.94
CA SER B 135 19.73 1.13 14.19
C SER B 135 18.45 0.34 14.39
N LEU B 136 18.24 -0.68 13.55
CA LEU B 136 17.10 -1.59 13.71
C LEU B 136 17.18 -2.30 15.05
N PHE B 137 18.39 -2.77 15.41
CA PHE B 137 18.59 -3.33 16.73
C PHE B 137 18.18 -2.38 17.86
N GLN B 138 18.55 -1.09 17.79
CA GLN B 138 18.29 -0.17 18.90
C GLN B 138 16.78 0.11 18.97
N ILE B 139 16.13 0.30 17.82
CA ILE B 139 14.68 0.48 17.81
C ILE B 139 13.98 -0.73 18.46
N GLN B 140 14.35 -1.94 18.06
CA GLN B 140 13.67 -3.14 18.53
C GLN B 140 13.93 -3.41 20.00
N ALA B 141 15.17 -3.14 20.44
CA ALA B 141 15.50 -3.21 21.86
C ALA B 141 14.68 -2.19 22.66
N GLU B 142 14.47 -0.99 22.13
CA GLU B 142 13.74 0.04 22.86
C GLU B 142 12.27 -0.39 22.96
N ARG B 143 11.77 -1.17 21.97
CA ARG B 143 10.42 -1.75 22.01
C ARG B 143 10.31 -2.80 23.09
N ILE B 144 11.32 -3.67 23.27
CA ILE B 144 11.32 -4.59 24.39
C ILE B 144 11.38 -3.82 25.71
N ALA B 145 12.27 -2.82 25.84
CA ALA B 145 12.47 -2.08 27.08
C ALA B 145 11.15 -1.46 27.54
N LYS B 146 10.43 -0.88 26.57
CA LYS B 146 9.18 -0.19 26.83
C LYS B 146 8.10 -1.17 27.28
N LEU B 147 8.02 -2.31 26.58
CA LEU B 147 6.98 -3.26 26.89
C LEU B 147 7.21 -3.84 28.28
N GLN B 148 8.48 -4.04 28.64
CA GLN B 148 8.81 -4.49 30.00
C GLN B 148 8.33 -3.48 31.04
N LEU B 149 8.50 -2.18 30.77
CA LEU B 149 8.08 -1.14 31.71
C LEU B 149 6.54 -1.07 31.79
N LEU B 150 5.85 -1.24 30.64
CA LEU B 150 4.38 -1.29 30.62
C LEU B 150 3.86 -2.46 31.45
N ALA B 151 4.52 -3.61 31.30
CA ALA B 151 4.18 -4.76 32.08
C ALA B 151 4.44 -4.53 33.57
N GLN B 152 5.50 -3.80 33.92
CA GLN B 152 5.86 -3.57 35.32
C GLN B 152 4.77 -2.72 36.01
N ARG B 153 4.07 -1.90 35.24
CA ARG B 153 2.97 -1.13 35.77
C ARG B 153 1.87 -2.01 36.34
N ILE B 154 1.63 -3.19 35.78
CA ILE B 154 0.54 -4.04 36.22
C ILE B 154 1.04 -5.03 37.29
N SER B 155 2.33 -5.38 37.28
CA SER B 155 2.89 -6.33 38.24
C SER B 155 3.40 -5.68 39.52
N GLY B 156 4.01 -4.48 39.40
CA GLY B 156 4.82 -3.89 40.45
C GLY B 156 6.28 -4.35 40.53
N LYS B 157 6.76 -5.19 39.59
CA LYS B 157 8.16 -5.64 39.61
C LYS B 157 8.77 -5.65 38.21
N GLU B 158 10.11 -5.66 38.12
CA GLU B 158 10.82 -5.74 36.83
C GLU B 158 10.13 -6.81 35.99
N ALA B 159 10.01 -6.56 34.67
CA ALA B 159 9.58 -7.59 33.73
C ALA B 159 10.68 -7.85 32.69
N VAL B 160 10.83 -9.10 32.27
CA VAL B 160 11.91 -9.53 31.39
C VAL B 160 11.38 -10.29 30.17
N ILE B 161 11.71 -9.77 28.98
CA ILE B 161 11.47 -10.52 27.74
C ILE B 161 12.85 -10.87 27.15
N PRO B 162 13.34 -12.10 27.31
CA PRO B 162 14.68 -12.39 26.80
C PRO B 162 14.64 -12.39 25.27
N TRP B 163 15.70 -11.83 24.67
CA TRP B 163 15.86 -11.59 23.26
C TRP B 163 16.98 -12.52 22.75
N TYR B 164 16.60 -13.63 22.14
CA TYR B 164 17.54 -14.56 21.51
C TYR B 164 17.76 -14.20 20.05
N VAL B 165 18.96 -13.67 19.74
CA VAL B 165 19.28 -13.06 18.46
C VAL B 165 19.99 -14.13 17.63
N MET B 166 19.33 -14.66 16.59
CA MET B 166 19.90 -15.80 15.85
C MET B 166 20.60 -15.23 14.61
N THR B 167 21.92 -15.48 14.53
CA THR B 167 22.77 -14.90 13.51
C THR B 167 23.40 -16.02 12.68
N SER B 168 24.12 -15.61 11.63
CA SER B 168 24.88 -16.54 10.81
C SER B 168 26.33 -16.53 11.26
N GLY B 169 27.08 -17.59 10.89
CA GLY B 169 28.50 -17.72 11.16
C GLY B 169 29.21 -16.39 11.36
N PRO B 170 29.33 -15.56 10.29
CA PRO B 170 30.14 -14.33 10.36
C PRO B 170 29.52 -13.02 10.85
N THR B 171 28.22 -12.99 11.16
CA THR B 171 27.60 -11.79 11.73
C THR B 171 27.71 -11.78 13.25
N ARG B 172 27.95 -12.96 13.84
CA ARG B 172 27.98 -13.15 15.29
C ARG B 172 28.90 -12.12 15.96
N LYS B 173 30.20 -12.24 15.72
CA LYS B 173 31.17 -11.39 16.40
C LYS B 173 30.76 -9.93 16.28
N PRO B 174 30.52 -9.37 15.06
CA PRO B 174 30.23 -7.93 14.92
C PRO B 174 28.94 -7.47 15.61
N THR B 175 27.98 -8.40 15.72
CA THR B 175 26.72 -8.19 16.43
C THR B 175 26.98 -8.04 17.94
N GLU B 176 27.81 -8.93 18.51
CA GLU B 176 28.21 -8.83 19.91
C GLU B 176 28.84 -7.46 20.14
N GLU B 177 29.75 -7.03 19.24
CA GLU B 177 30.49 -5.80 19.43
C GLU B 177 29.58 -4.58 19.32
N PHE B 178 28.65 -4.61 18.35
CA PHE B 178 27.69 -3.53 18.15
C PHE B 178 26.90 -3.32 19.45
N PHE B 179 26.43 -4.44 20.01
CA PHE B 179 25.71 -4.45 21.28
C PHE B 179 26.60 -3.92 22.39
N GLU B 180 27.81 -4.48 22.51
CA GLU B 180 28.72 -4.04 23.55
C GLU B 180 28.88 -2.52 23.46
N GLN B 181 29.17 -2.00 22.25
CA GLN B 181 29.39 -0.56 22.03
C GLN B 181 28.23 0.24 22.61
N HIS B 182 27.01 -0.29 22.44
CA HIS B 182 25.78 0.38 22.80
C HIS B 182 25.31 -0.01 24.21
N LYS B 183 26.23 -0.59 25.01
CA LYS B 183 25.94 -1.23 26.30
C LYS B 183 24.54 -1.85 26.31
N TYR B 184 24.18 -2.51 25.20
CA TYR B 184 23.02 -3.39 25.13
C TYR B 184 21.69 -2.63 25.18
N PHE B 185 21.72 -1.33 24.86
CA PHE B 185 20.49 -0.55 24.66
C PHE B 185 19.66 -0.54 25.94
N GLY B 186 20.32 -0.39 27.09
CA GLY B 186 19.62 -0.31 28.36
C GLY B 186 18.97 -1.63 28.79
N LEU B 187 19.16 -2.71 28.00
CA LEU B 187 18.68 -4.00 28.44
C LEU B 187 19.82 -4.63 29.25
N ASN B 188 19.49 -5.71 29.98
CA ASN B 188 20.45 -6.35 30.84
C ASN B 188 21.23 -7.31 29.94
N LYS B 189 22.56 -7.28 30.04
CA LYS B 189 23.39 -8.16 29.25
C LYS B 189 22.81 -9.58 29.29
N SER B 190 22.33 -10.02 30.44
CA SER B 190 21.90 -11.39 30.65
C SER B 190 20.65 -11.75 29.87
N ASP B 191 20.00 -10.72 29.30
CA ASP B 191 18.69 -10.91 28.69
C ASP B 191 18.77 -10.75 27.17
N VAL B 192 19.99 -10.58 26.64
CA VAL B 192 20.23 -10.54 25.22
C VAL B 192 21.30 -11.60 24.92
N ILE B 193 20.84 -12.63 24.19
CA ILE B 193 21.55 -13.89 23.99
C ILE B 193 21.73 -14.12 22.47
N ILE B 194 22.98 -13.94 22.00
CA ILE B 194 23.31 -14.04 20.60
C ILE B 194 23.79 -15.46 20.30
N PHE B 195 23.11 -16.16 19.37
CA PHE B 195 23.37 -17.57 19.05
C PHE B 195 23.26 -17.81 17.54
N GLU B 196 23.51 -19.07 17.12
CA GLU B 196 23.67 -19.43 15.70
C GLU B 196 22.78 -20.59 15.28
N GLN B 197 22.25 -20.55 14.04
CA GLN B 197 21.69 -21.74 13.43
C GLN B 197 22.76 -22.43 12.58
N GLY B 198 22.45 -23.65 12.12
CA GLY B 198 23.31 -24.41 11.20
C GLY B 198 23.66 -23.66 9.91
N VAL B 199 24.80 -24.07 9.31
CA VAL B 199 25.11 -23.70 7.95
C VAL B 199 25.51 -24.99 7.23
N LEU B 200 25.34 -24.93 5.92
CA LEU B 200 25.74 -26.01 5.04
C LEU B 200 26.52 -25.40 3.90
N PRO B 201 27.45 -26.17 3.28
CA PRO B 201 28.06 -25.73 2.04
C PRO B 201 27.02 -25.52 0.94
N CYS B 202 27.24 -24.51 0.10
CA CYS B 202 26.44 -24.37 -1.12
C CYS B 202 26.95 -25.40 -2.13
N ILE B 203 26.08 -25.79 -3.05
CA ILE B 203 26.36 -26.93 -3.92
C ILE B 203 26.01 -26.57 -5.36
N SER B 204 26.60 -27.35 -6.27
CA SER B 204 26.32 -27.27 -7.70
C SER B 204 25.05 -28.05 -7.99
N ASN B 205 24.58 -27.94 -9.23
CA ASN B 205 23.50 -28.79 -9.75
C ASN B 205 23.84 -30.28 -9.66
N GLU B 206 25.13 -30.65 -9.61
CA GLU B 206 25.52 -32.05 -9.51
C GLU B 206 25.83 -32.42 -8.06
N GLY B 207 25.55 -31.50 -7.13
CA GLY B 207 25.70 -31.75 -5.73
C GLY B 207 27.15 -31.64 -5.22
N LYS B 208 28.02 -30.91 -5.95
CA LYS B 208 29.40 -30.72 -5.57
C LYS B 208 29.51 -29.44 -4.75
N ILE B 209 30.27 -29.53 -3.67
CA ILE B 209 30.55 -28.39 -2.80
C ILE B 209 31.17 -27.28 -3.61
N LEU B 210 30.60 -26.07 -3.43
CA LEU B 210 31.09 -24.90 -4.15
C LEU B 210 32.21 -24.25 -3.32
N MET B 211 33.27 -23.86 -4.01
CA MET B 211 34.41 -23.19 -3.40
C MET B 211 34.24 -21.67 -3.52
N GLU B 212 34.32 -20.96 -2.40
CA GLU B 212 34.24 -19.50 -2.45
C GLU B 212 35.56 -18.91 -2.90
N SER B 213 36.67 -19.48 -2.38
CA SER B 213 38.02 -19.16 -2.80
C SER B 213 38.79 -20.46 -2.96
N LYS B 214 40.10 -20.38 -3.22
CA LYS B 214 40.89 -21.59 -3.35
C LYS B 214 40.99 -22.32 -2.02
N PHE B 215 40.74 -21.64 -0.89
CA PHE B 215 40.91 -22.24 0.43
C PHE B 215 39.67 -22.06 1.30
N LYS B 216 38.55 -21.66 0.69
CA LYS B 216 37.31 -21.54 1.45
C LYS B 216 36.10 -22.03 0.66
N VAL B 217 35.30 -22.86 1.33
CA VAL B 217 34.03 -23.34 0.83
C VAL B 217 32.96 -22.28 1.04
N ALA B 218 32.13 -22.06 0.02
CA ALA B 218 30.92 -21.24 0.09
C ALA B 218 29.91 -21.91 1.01
N VAL B 219 29.49 -21.21 2.08
CA VAL B 219 28.48 -21.74 2.96
C VAL B 219 27.28 -20.78 3.03
N ALA B 220 26.18 -21.28 3.60
CA ALA B 220 25.00 -20.46 3.83
C ALA B 220 24.19 -21.00 4.99
N PRO B 221 23.44 -20.15 5.72
CA PRO B 221 22.52 -20.68 6.73
C PRO B 221 21.50 -21.64 6.10
N ASP B 222 21.02 -22.62 6.89
CA ASP B 222 20.18 -23.70 6.36
C ASP B 222 18.68 -23.38 6.40
N GLY B 223 18.33 -22.11 6.13
CA GLY B 223 16.95 -21.66 6.01
C GLY B 223 16.28 -21.32 7.33
N ASN B 224 15.15 -20.58 7.25
CA ASN B 224 14.48 -20.17 8.47
C ASN B 224 13.90 -21.38 9.20
N GLY B 225 13.63 -22.50 8.51
CA GLY B 225 13.18 -23.72 9.16
C GLY B 225 14.28 -24.38 10.01
N GLY B 226 15.53 -23.92 9.84
CA GLY B 226 16.64 -24.37 10.67
C GLY B 226 16.58 -23.83 12.10
N ILE B 227 15.64 -22.88 12.37
CA ILE B 227 15.54 -22.30 13.70
C ILE B 227 15.37 -23.39 14.74
N TYR B 228 14.59 -24.43 14.40
CA TYR B 228 14.12 -25.40 15.36
C TYR B 228 15.30 -26.21 15.93
N GLN B 229 16.13 -26.81 15.08
CA GLN B 229 17.31 -27.53 15.56
C GLN B 229 18.26 -26.57 16.27
N ALA B 230 18.38 -25.33 15.77
CA ALA B 230 19.26 -24.33 16.33
C ALA B 230 18.92 -24.07 17.80
N LEU B 231 17.62 -24.17 18.15
CA LEU B 231 17.12 -23.87 19.50
C LEU B 231 17.68 -24.90 20.50
N LEU B 232 17.72 -26.16 20.09
CA LEU B 232 18.30 -27.22 20.90
C LEU B 232 19.82 -27.04 21.04
N THR B 233 20.51 -27.06 19.90
CA THR B 233 21.95 -27.05 19.79
C THR B 233 22.59 -25.86 20.51
N SER B 234 21.93 -24.71 20.48
CA SER B 234 22.49 -23.47 21.01
C SER B 234 22.49 -23.45 22.54
N GLY B 235 21.60 -24.21 23.16
CA GLY B 235 21.27 -24.05 24.58
C GLY B 235 20.10 -23.08 24.81
N VAL B 236 19.57 -22.46 23.75
CA VAL B 236 18.52 -21.45 23.86
C VAL B 236 17.27 -22.01 24.53
N ARG B 237 16.78 -23.15 24.05
CA ARG B 237 15.53 -23.68 24.57
C ARG B 237 15.62 -23.99 26.07
N GLU B 238 16.80 -24.49 26.48
CA GLU B 238 17.08 -24.80 27.88
C GLU B 238 17.08 -23.51 28.71
N ASP B 239 17.62 -22.42 28.14
CA ASP B 239 17.67 -21.14 28.83
C ASP B 239 16.23 -20.69 29.03
N MET B 240 15.41 -20.90 27.98
CA MET B 240 13.97 -20.68 27.99
C MET B 240 13.34 -21.44 29.16
N ARG B 241 13.72 -22.71 29.32
CA ARG B 241 13.14 -23.56 30.36
C ARG B 241 13.42 -23.00 31.75
N LYS B 242 14.71 -22.74 32.05
CA LYS B 242 15.15 -22.20 33.34
C LYS B 242 14.42 -20.90 33.67
N ARG B 243 14.07 -20.12 32.62
CA ARG B 243 13.42 -18.83 32.77
C ARG B 243 11.91 -18.98 32.99
N GLY B 244 11.34 -20.16 32.70
CA GLY B 244 9.89 -20.31 32.77
C GLY B 244 9.15 -19.66 31.58
N ILE B 245 9.81 -19.52 30.40
CA ILE B 245 9.16 -19.05 29.18
C ILE B 245 8.07 -20.05 28.76
N GLU B 246 6.90 -19.54 28.31
CA GLU B 246 5.78 -20.31 27.77
C GLU B 246 5.29 -19.82 26.37
N HIS B 247 5.71 -18.61 25.96
CA HIS B 247 5.19 -18.01 24.75
C HIS B 247 6.37 -17.41 24.01
N ILE B 248 6.48 -17.69 22.70
CA ILE B 248 7.61 -17.16 21.96
C ILE B 248 7.13 -16.49 20.68
N HIS B 249 7.60 -15.27 20.51
CA HIS B 249 7.39 -14.47 19.31
C HIS B 249 8.65 -14.62 18.47
N THR B 250 8.46 -14.80 17.17
CA THR B 250 9.55 -14.93 16.24
C THR B 250 9.33 -14.06 15.02
N TYR B 251 10.33 -13.31 14.59
CA TYR B 251 10.23 -12.45 13.42
C TYR B 251 11.61 -12.20 12.81
N CYS B 252 11.64 -11.51 11.67
CA CYS B 252 12.88 -11.14 10.99
CA CYS B 252 12.88 -11.16 10.97
C CYS B 252 13.28 -9.71 11.28
N VAL B 253 14.60 -9.48 11.51
CA VAL B 253 15.09 -8.17 11.89
C VAL B 253 14.71 -7.03 10.94
N ASP B 254 14.49 -7.29 9.65
CA ASP B 254 14.32 -6.18 8.72
C ASP B 254 12.88 -5.69 8.62
N ASN B 255 11.96 -6.24 9.40
CA ASN B 255 10.69 -5.57 9.55
C ASN B 255 10.85 -4.38 10.51
N CYS B 256 10.95 -3.15 9.99
CA CYS B 256 11.33 -2.05 10.84
CA CYS B 256 11.32 -2.00 10.77
C CYS B 256 10.18 -1.61 11.73
N LEU B 257 8.94 -2.06 11.44
CA LEU B 257 7.78 -1.69 12.27
C LEU B 257 7.36 -2.80 13.24
N VAL B 258 8.17 -3.86 13.38
CA VAL B 258 7.76 -5.03 14.11
C VAL B 258 7.33 -4.65 15.53
N LYS B 259 6.14 -5.10 15.94
CA LYS B 259 5.67 -4.96 17.32
C LYS B 259 6.23 -6.16 18.08
N VAL B 260 7.39 -5.92 18.70
CA VAL B 260 8.14 -7.00 19.31
C VAL B 260 7.37 -7.48 20.51
N ALA B 261 7.17 -8.79 20.58
CA ALA B 261 6.46 -9.47 21.66
C ALA B 261 5.05 -8.90 21.79
N ASP B 262 4.39 -8.66 20.64
CA ASP B 262 3.13 -7.96 20.60
C ASP B 262 2.15 -8.57 21.59
N PRO B 263 1.67 -7.84 22.62
CA PRO B 263 0.75 -8.43 23.56
C PRO B 263 -0.58 -8.87 22.96
N VAL B 264 -1.06 -8.21 21.89
CA VAL B 264 -2.32 -8.67 21.31
C VAL B 264 -2.14 -10.06 20.70
N PHE B 265 -1.02 -10.24 19.99
CA PHE B 265 -0.72 -11.49 19.31
C PHE B 265 -0.57 -12.63 20.32
N ILE B 266 0.26 -12.39 21.35
CA ILE B 266 0.49 -13.37 22.42
C ILE B 266 -0.85 -13.72 23.09
N GLY B 267 -1.65 -12.69 23.44
CA GLY B 267 -2.90 -12.91 24.13
C GLY B 267 -3.90 -13.69 23.29
N PHE B 268 -4.02 -13.33 22.00
CA PHE B 268 -4.89 -14.01 21.06
C PHE B 268 -4.52 -15.48 20.95
N ALA B 269 -3.23 -15.74 20.68
CA ALA B 269 -2.74 -17.11 20.51
C ALA B 269 -2.94 -17.90 21.82
N ALA B 270 -2.51 -17.33 22.95
CA ALA B 270 -2.62 -17.97 24.27
C ALA B 270 -4.07 -18.31 24.57
N SER B 271 -4.99 -17.41 24.19
CA SER B 271 -6.41 -17.61 24.46
C SER B 271 -6.97 -18.78 23.66
N LYS B 272 -6.35 -19.14 22.53
CA LYS B 272 -6.84 -20.25 21.74
C LYS B 272 -6.06 -21.52 22.03
N GLN B 273 -5.03 -21.42 22.88
CA GLN B 273 -4.17 -22.54 23.25
C GLN B 273 -3.61 -23.22 22.01
N VAL B 274 -3.14 -22.42 21.03
CA VAL B 274 -2.59 -23.01 19.81
C VAL B 274 -1.12 -23.33 20.02
N ASP B 275 -0.58 -24.17 19.14
CA ASP B 275 0.86 -24.43 19.11
C ASP B 275 1.58 -23.43 18.18
N ILE B 276 0.90 -22.99 17.13
CA ILE B 276 1.47 -22.01 16.20
C ILE B 276 0.43 -20.95 15.87
N ALA B 277 0.85 -19.68 15.78
CA ALA B 277 0.02 -18.69 15.12
C ALA B 277 0.91 -17.84 14.22
N THR B 278 0.20 -17.14 13.34
CA THR B 278 0.83 -16.34 12.32
C THR B 278 0.13 -15.01 12.32
N LYS B 279 0.91 -13.99 11.94
CA LYS B 279 0.37 -12.69 11.60
C LYS B 279 0.48 -12.45 10.11
N VAL B 280 -0.57 -11.80 9.59
CA VAL B 280 -0.67 -11.49 8.17
C VAL B 280 -1.10 -10.03 8.06
N VAL B 281 -0.87 -9.46 6.87
CA VAL B 281 -1.46 -8.17 6.53
C VAL B 281 -2.43 -8.39 5.37
N ARG B 282 -3.28 -7.39 5.12
CA ARG B 282 -4.35 -7.54 4.14
C ARG B 282 -3.79 -7.41 2.73
N LYS B 283 -3.99 -8.45 1.93
CA LYS B 283 -3.95 -8.33 0.49
C LYS B 283 -5.19 -7.60 0.00
N ARG B 284 -5.01 -6.43 -0.67
CA ARG B 284 -6.13 -5.56 -1.08
C ARG B 284 -6.52 -5.67 -2.56
N ASN B 285 -5.54 -5.79 -3.47
CA ASN B 285 -5.80 -5.97 -4.89
C ASN B 285 -5.41 -7.40 -5.26
N ALA B 286 -6.30 -8.02 -6.03
CA ALA B 286 -6.16 -9.38 -6.52
C ALA B 286 -4.81 -9.62 -7.20
N THR B 287 -4.24 -8.60 -7.86
CA THR B 287 -3.00 -8.79 -8.61
C THR B 287 -1.72 -8.68 -7.76
N GLU B 288 -1.81 -8.41 -6.43
CA GLU B 288 -0.63 -8.32 -5.57
C GLU B 288 0.06 -9.67 -5.51
N SER B 289 1.39 -9.66 -5.63
CA SER B 289 2.19 -10.87 -5.70
C SER B 289 2.69 -11.23 -4.31
N VAL B 290 1.80 -11.83 -3.50
CA VAL B 290 2.10 -12.12 -2.11
C VAL B 290 1.76 -13.56 -1.79
N GLY B 291 2.60 -14.18 -0.95
CA GLY B 291 2.28 -15.50 -0.45
C GLY B 291 1.17 -15.42 0.61
N LEU B 292 0.33 -16.48 0.69
CA LEU B 292 -0.89 -16.42 1.45
C LEU B 292 -0.97 -17.57 2.44
N ILE B 293 -1.45 -17.25 3.65
CA ILE B 293 -1.74 -18.25 4.64
C ILE B 293 -3.20 -18.68 4.42
N LEU B 294 -3.39 -20.00 4.37
CA LEU B 294 -4.68 -20.56 4.03
C LEU B 294 -4.66 -22.06 4.36
N GLN B 295 -5.78 -22.73 4.09
CA GLN B 295 -5.82 -24.18 4.13
C GLN B 295 -5.57 -24.72 2.73
N LYS B 296 -4.55 -25.57 2.61
CA LYS B 296 -4.21 -26.29 1.40
C LYS B 296 -4.52 -27.78 1.66
N ASN B 297 -5.53 -28.30 0.95
CA ASN B 297 -6.02 -29.68 1.13
C ASN B 297 -6.42 -29.91 2.57
N GLY B 298 -7.05 -28.89 3.16
CA GLY B 298 -7.55 -28.94 4.52
C GLY B 298 -6.51 -28.84 5.62
N LYS B 299 -5.30 -28.35 5.33
CA LYS B 299 -4.29 -28.20 6.36
C LYS B 299 -3.72 -26.78 6.25
N PRO B 300 -3.34 -26.18 7.39
CA PRO B 300 -2.75 -24.84 7.40
C PRO B 300 -1.44 -24.82 6.62
N ASP B 301 -1.28 -23.78 5.78
CA ASP B 301 -0.13 -23.77 4.92
C ASP B 301 0.11 -22.38 4.34
N VAL B 302 1.29 -22.21 3.74
CA VAL B 302 1.61 -20.98 3.02
C VAL B 302 1.81 -21.35 1.57
N VAL B 303 1.06 -20.69 0.70
CA VAL B 303 1.18 -20.92 -0.72
C VAL B 303 1.77 -19.68 -1.39
N GLU B 304 2.75 -19.92 -2.26
CA GLU B 304 3.37 -18.85 -3.04
C GLU B 304 2.35 -18.33 -4.03
N TYR B 305 2.48 -17.04 -4.43
CA TYR B 305 1.50 -16.43 -5.30
C TYR B 305 1.47 -17.11 -6.68
N SER B 306 2.56 -17.75 -7.09
CA SER B 306 2.59 -18.46 -8.37
C SER B 306 1.62 -19.64 -8.38
N GLU B 307 1.28 -20.17 -7.20
CA GLU B 307 0.38 -21.31 -7.12
C GLU B 307 -1.08 -20.86 -6.97
N ILE B 308 -1.29 -19.54 -7.02
CA ILE B 308 -2.63 -18.99 -7.00
C ILE B 308 -3.08 -18.71 -8.43
N ASP B 309 -4.24 -19.25 -8.82
CA ASP B 309 -4.80 -18.98 -10.14
C ASP B 309 -5.68 -17.73 -10.08
N LYS B 310 -6.14 -17.28 -11.27
CA LYS B 310 -6.87 -16.04 -11.41
C LYS B 310 -8.17 -16.10 -10.63
N GLU B 311 -8.87 -17.22 -10.73
CA GLU B 311 -10.17 -17.35 -10.08
C GLU B 311 -9.99 -17.19 -8.57
N THR B 312 -8.99 -17.86 -7.96
CA THR B 312 -8.85 -17.74 -6.50
C THR B 312 -8.28 -16.37 -6.14
N ALA B 313 -7.42 -15.75 -6.97
CA ALA B 313 -6.86 -14.45 -6.64
C ALA B 313 -7.96 -13.38 -6.61
N GLU B 314 -8.89 -13.47 -7.57
CA GLU B 314 -9.95 -12.50 -7.82
C GLU B 314 -11.15 -12.72 -6.89
N ALA B 315 -11.28 -13.91 -6.30
CA ALA B 315 -12.50 -14.25 -5.59
C ALA B 315 -12.74 -13.26 -4.44
N LYS B 316 -14.01 -12.85 -4.27
CA LYS B 316 -14.34 -11.92 -3.19
C LYS B 316 -14.89 -12.75 -2.03
N ASP B 317 -14.68 -12.28 -0.80
CA ASP B 317 -15.20 -12.98 0.35
C ASP B 317 -16.74 -12.98 0.33
N PRO B 318 -17.41 -14.16 0.36
CA PRO B 318 -18.87 -14.18 0.27
C PRO B 318 -19.50 -13.46 1.47
N LYS B 319 -18.86 -13.54 2.65
CA LYS B 319 -19.43 -12.99 3.87
C LYS B 319 -19.06 -11.51 4.05
N GLN B 320 -18.14 -10.98 3.21
CA GLN B 320 -17.56 -9.68 3.39
C GLN B 320 -17.11 -9.20 2.00
N PRO B 321 -18.05 -8.86 1.09
CA PRO B 321 -17.69 -8.68 -0.33
C PRO B 321 -16.83 -7.46 -0.67
N ASP B 322 -16.56 -6.61 0.31
CA ASP B 322 -15.60 -5.53 0.16
C ASP B 322 -14.16 -6.06 0.19
N VAL B 323 -13.93 -7.35 0.52
CA VAL B 323 -12.56 -7.85 0.66
C VAL B 323 -12.39 -9.13 -0.18
N LEU B 324 -11.12 -9.45 -0.48
CA LEU B 324 -10.75 -10.67 -1.17
C LEU B 324 -10.97 -11.86 -0.26
N LYS B 325 -11.38 -12.97 -0.87
CA LYS B 325 -11.57 -14.23 -0.16
C LYS B 325 -10.26 -14.77 0.41
N PHE B 326 -9.20 -14.71 -0.40
CA PHE B 326 -7.85 -15.07 -0.03
C PHE B 326 -6.98 -13.82 0.14
N ARG B 327 -6.77 -13.39 1.39
CA ARG B 327 -6.25 -12.05 1.66
C ARG B 327 -5.20 -12.05 2.77
N ALA B 328 -4.82 -13.21 3.28
CA ALA B 328 -3.94 -13.31 4.43
C ALA B 328 -2.47 -13.34 3.97
N ALA B 329 -1.89 -12.14 3.77
CA ALA B 329 -0.55 -12.02 3.22
C ALA B 329 0.52 -12.28 4.30
N ASN B 330 1.37 -13.27 4.06
CA ASN B 330 2.38 -13.73 4.99
C ASN B 330 3.42 -12.65 5.25
N ILE B 331 3.72 -12.36 6.54
CA ILE B 331 4.76 -11.40 6.92
C ILE B 331 5.83 -12.06 7.80
N VAL B 332 5.86 -13.40 7.81
CA VAL B 332 6.91 -14.16 8.52
C VAL B 332 7.03 -13.73 9.99
N ASN B 333 5.89 -13.78 10.66
CA ASN B 333 5.76 -13.30 12.02
C ASN B 333 4.91 -14.30 12.78
N HIS B 334 5.55 -14.99 13.74
CA HIS B 334 5.04 -16.23 14.24
C HIS B 334 5.05 -16.25 15.78
N TYR B 335 4.06 -16.97 16.27
CA TYR B 335 3.90 -17.33 17.65
C TYR B 335 4.09 -18.84 17.79
N TYR B 336 4.85 -19.23 18.82
CA TYR B 336 4.88 -20.62 19.23
C TYR B 336 4.64 -20.74 20.73
N SER B 337 3.97 -21.81 21.09
CA SER B 337 3.96 -22.22 22.49
C SER B 337 5.31 -22.88 22.84
N PHE B 338 5.72 -22.78 24.12
CA PHE B 338 6.98 -23.39 24.52
C PHE B 338 6.83 -24.90 24.45
N LYS B 339 5.59 -25.36 24.58
CA LYS B 339 5.28 -26.77 24.47
C LYS B 339 5.76 -27.27 23.10
N PHE B 340 5.28 -26.58 22.05
CA PHE B 340 5.69 -26.85 20.69
C PHE B 340 7.22 -27.01 20.62
N PHE B 341 7.99 -26.13 21.26
CA PHE B 341 9.44 -26.19 21.25
C PHE B 341 9.97 -27.46 21.96
N GLU B 342 9.23 -27.97 22.94
CA GLU B 342 9.64 -29.20 23.63
C GLU B 342 9.44 -30.42 22.74
N SER B 343 8.57 -30.32 21.73
CA SER B 343 8.27 -31.42 20.84
C SER B 343 9.20 -31.52 19.61
N ILE B 344 10.27 -30.71 19.54
CA ILE B 344 11.01 -30.54 18.29
C ILE B 344 11.69 -31.87 17.90
N GLU B 345 12.24 -32.60 18.89
CA GLU B 345 12.89 -33.89 18.69
C GLU B 345 12.10 -34.77 17.72
N LEU B 346 10.77 -34.76 17.87
CA LEU B 346 9.88 -35.73 17.25
C LEU B 346 9.71 -35.55 15.74
N TRP B 347 9.99 -34.37 15.19
CA TRP B 347 9.68 -34.11 13.79
C TRP B 347 10.80 -33.32 13.07
N ALA B 348 11.84 -32.92 13.81
CA ALA B 348 12.93 -32.16 13.23
C ALA B 348 13.51 -32.92 12.05
N HIS B 349 13.28 -34.25 12.05
CA HIS B 349 13.85 -35.18 11.10
CA HIS B 349 13.86 -35.16 11.09
C HIS B 349 13.05 -35.11 9.80
N LYS B 350 11.77 -34.74 9.90
CA LYS B 350 10.86 -34.71 8.76
C LYS B 350 10.97 -33.43 7.93
N LEU B 351 11.70 -32.41 8.39
CA LEU B 351 11.77 -31.16 7.64
C LEU B 351 12.79 -31.33 6.51
N PRO B 352 12.38 -31.30 5.22
CA PRO B 352 13.33 -31.43 4.11
C PRO B 352 14.23 -30.21 3.92
N HIS B 353 15.49 -30.43 3.52
CA HIS B 353 16.32 -29.38 2.95
C HIS B 353 15.96 -29.31 1.49
N HIS B 354 15.38 -28.16 1.08
CA HIS B 354 15.00 -27.83 -0.29
C HIS B 354 16.12 -27.09 -1.02
N VAL B 355 16.12 -27.14 -2.36
CA VAL B 355 16.96 -26.30 -3.18
C VAL B 355 16.41 -24.88 -3.13
N ALA B 356 17.34 -23.95 -2.92
CA ALA B 356 17.10 -22.54 -3.16
C ALA B 356 18.23 -22.06 -4.07
N ARG B 357 17.91 -21.67 -5.31
CA ARG B 357 18.95 -21.25 -6.24
C ARG B 357 19.38 -19.83 -5.89
N LYS B 358 20.69 -19.57 -5.97
CA LYS B 358 21.26 -18.26 -5.74
C LYS B 358 22.38 -18.06 -6.76
N LYS B 359 22.72 -16.80 -7.05
CA LYS B 359 23.90 -16.47 -7.86
C LYS B 359 25.09 -16.30 -6.90
N ILE B 360 25.66 -17.44 -6.48
CA ILE B 360 26.66 -17.52 -5.42
C ILE B 360 28.04 -17.14 -5.98
N PRO B 361 28.80 -16.20 -5.33
CA PRO B 361 30.20 -15.95 -5.70
C PRO B 361 31.15 -17.10 -5.38
N CYS B 362 31.80 -17.65 -6.43
CA CYS B 362 32.70 -18.78 -6.26
C CYS B 362 33.73 -18.81 -7.40
N ILE B 363 34.76 -19.66 -7.23
CA ILE B 363 35.85 -19.79 -8.20
C ILE B 363 35.28 -20.17 -9.58
N PRO B 376 19.83 -18.21 -11.07
CA PRO B 376 20.54 -19.48 -10.85
C PRO B 376 22.07 -19.33 -10.82
N ASN B 377 22.77 -20.49 -10.81
CA ASN B 377 24.21 -20.64 -10.70
C ASN B 377 24.55 -21.81 -9.77
N GLY B 378 24.35 -21.60 -8.46
CA GLY B 378 24.53 -22.62 -7.45
C GLY B 378 23.30 -22.73 -6.54
N ILE B 379 23.40 -23.54 -5.49
CA ILE B 379 22.24 -23.95 -4.71
C ILE B 379 22.52 -23.84 -3.22
N LYS B 380 21.55 -23.29 -2.50
CA LYS B 380 21.53 -23.25 -1.04
C LYS B 380 20.52 -24.29 -0.54
N LEU B 381 20.94 -25.08 0.44
CA LEU B 381 20.11 -26.10 1.06
C LEU B 381 19.37 -25.46 2.21
N GLU B 382 18.03 -25.40 2.13
CA GLU B 382 17.28 -24.73 3.18
C GLU B 382 16.06 -25.51 3.65
N GLN B 383 15.83 -25.46 4.96
CA GLN B 383 14.55 -25.86 5.51
C GLN B 383 13.65 -24.63 5.65
N PHE B 384 12.34 -24.85 5.51
CA PHE B 384 11.35 -23.79 5.53
C PHE B 384 10.51 -23.91 6.79
N VAL B 385 10.34 -22.79 7.48
CA VAL B 385 9.58 -22.69 8.71
C VAL B 385 8.14 -23.16 8.43
N PHE B 386 7.61 -22.83 7.25
CA PHE B 386 6.19 -23.12 7.03
C PHE B 386 5.93 -24.58 6.65
N ASP B 387 6.98 -25.39 6.46
CA ASP B 387 6.78 -26.82 6.22
C ASP B 387 6.11 -27.51 7.42
N VAL B 388 6.25 -26.89 8.59
CA VAL B 388 5.71 -27.41 9.84
C VAL B 388 4.21 -27.09 9.93
N PHE B 389 3.72 -26.12 9.14
CA PHE B 389 2.32 -25.72 9.28
C PHE B 389 1.33 -26.82 8.93
N PRO B 390 1.41 -27.50 7.77
CA PRO B 390 0.42 -28.53 7.46
C PRO B 390 0.47 -29.75 8.37
N MET B 391 1.57 -29.91 9.13
CA MET B 391 1.70 -30.99 10.11
C MET B 391 1.01 -30.62 11.41
N THR B 392 0.47 -29.39 11.50
CA THR B 392 -0.17 -28.89 12.70
C THR B 392 -1.68 -29.06 12.55
N PRO B 393 -2.38 -29.70 13.53
CA PRO B 393 -3.83 -29.73 13.49
C PRO B 393 -4.42 -28.31 13.38
N LEU B 394 -5.46 -28.22 12.57
CA LEU B 394 -6.09 -26.95 12.24
C LEU B 394 -6.61 -26.26 13.50
N GLU B 395 -6.87 -27.02 14.59
CA GLU B 395 -7.31 -26.41 15.84
C GLU B 395 -6.13 -25.96 16.68
N LYS B 396 -4.90 -26.37 16.36
CA LYS B 396 -3.72 -25.85 17.06
C LYS B 396 -3.03 -24.75 16.22
N PHE B 397 -3.74 -24.17 15.26
CA PHE B 397 -3.20 -23.12 14.41
C PHE B 397 -4.14 -21.91 14.37
N ALA B 398 -3.56 -20.69 14.47
CA ALA B 398 -4.34 -19.46 14.38
C ALA B 398 -3.64 -18.42 13.52
N CYS B 399 -4.39 -17.38 13.18
CA CYS B 399 -3.93 -16.35 12.25
C CYS B 399 -4.61 -15.03 12.59
N ILE B 400 -3.82 -13.96 12.79
CA ILE B 400 -4.38 -12.64 13.04
C ILE B 400 -3.90 -11.68 11.95
N GLU B 401 -4.87 -11.01 11.34
CA GLU B 401 -4.63 -9.94 10.37
C GLU B 401 -4.37 -8.67 11.15
N VAL B 402 -3.32 -7.93 10.74
CA VAL B 402 -2.94 -6.71 11.41
C VAL B 402 -2.86 -5.60 10.35
N ARG B 403 -2.66 -4.37 10.82
CA ARG B 403 -2.56 -3.20 9.95
C ARG B 403 -1.11 -3.02 9.48
N ARG B 404 -0.87 -3.14 8.17
CA ARG B 404 0.44 -3.00 7.57
C ARG B 404 1.18 -1.75 8.06
N GLU B 405 0.46 -0.61 8.08
CA GLU B 405 1.05 0.68 8.35
C GLU B 405 1.46 0.80 9.83
N ASP B 406 1.04 -0.14 10.66
CA ASP B 406 1.45 -0.18 12.05
C ASP B 406 2.43 -1.32 12.35
N GLU B 407 2.59 -2.29 11.45
CA GLU B 407 3.21 -3.55 11.84
C GLU B 407 4.21 -4.15 10.86
N PHE B 408 4.29 -3.64 9.63
CA PHE B 408 5.06 -4.30 8.61
C PHE B 408 5.65 -3.28 7.64
N SER B 409 7.00 -3.19 7.71
CA SER B 409 7.77 -2.32 6.85
C SER B 409 9.08 -3.01 6.55
N PRO B 410 9.14 -3.91 5.53
CA PRO B 410 10.33 -4.71 5.32
C PRO B 410 11.40 -3.85 4.62
N LEU B 411 12.62 -3.96 5.13
CA LEU B 411 13.81 -3.43 4.49
C LEU B 411 14.40 -4.55 3.64
N LYS B 412 14.15 -4.52 2.33
CA LYS B 412 14.58 -5.58 1.42
C LYS B 412 15.69 -5.10 0.49
N ASN B 413 15.59 -3.84 0.04
CA ASN B 413 16.29 -3.35 -1.14
C ASN B 413 17.10 -2.10 -0.80
N ALA B 414 18.11 -1.81 -1.64
CA ALA B 414 18.96 -0.63 -1.51
C ALA B 414 18.19 0.64 -1.88
N ARG B 415 18.70 1.80 -1.44
CA ARG B 415 18.00 3.07 -1.59
C ARG B 415 17.77 3.32 -3.08
N GLY B 416 16.52 3.66 -3.45
CA GLY B 416 16.20 4.08 -4.81
C GLY B 416 15.51 3.01 -5.65
N THR B 417 14.86 2.04 -4.99
CA THR B 417 14.06 1.02 -5.68
C THR B 417 12.65 1.54 -5.89
N GLY B 418 12.05 2.06 -4.81
CA GLY B 418 10.65 2.44 -4.79
C GLY B 418 9.85 1.64 -3.76
N GLU B 419 10.21 0.37 -3.57
CA GLU B 419 9.51 -0.53 -2.66
C GLU B 419 10.53 -1.12 -1.66
N ASP B 420 10.16 -1.11 -0.38
CA ASP B 420 10.83 -1.90 0.65
C ASP B 420 12.30 -1.48 0.82
N ASP B 421 12.59 -0.17 0.86
CA ASP B 421 13.95 0.32 0.97
C ASP B 421 14.08 1.19 2.22
N PRO B 422 15.30 1.67 2.61
CA PRO B 422 15.42 2.59 3.75
C PRO B 422 14.41 3.75 3.77
N ASP B 423 14.06 4.26 2.59
CA ASP B 423 13.18 5.42 2.44
C ASP B 423 11.75 5.06 2.80
N THR B 424 11.31 3.90 2.31
CA THR B 424 9.95 3.44 2.54
C THR B 424 9.80 3.18 4.04
N SER B 425 10.85 2.64 4.65
CA SER B 425 10.82 2.22 6.05
C SER B 425 10.83 3.40 7.00
N LYS B 426 11.68 4.40 6.69
CA LYS B 426 11.72 5.66 7.41
C LYS B 426 10.39 6.39 7.34
N ARG B 427 9.77 6.46 6.14
CA ARG B 427 8.46 7.08 6.03
C ARG B 427 7.43 6.29 6.85
N ASP B 428 7.48 4.96 6.84
CA ASP B 428 6.51 4.17 7.59
C ASP B 428 6.54 4.55 9.08
N ILE B 429 7.75 4.63 9.66
CA ILE B 429 7.92 4.92 11.07
C ILE B 429 7.49 6.35 11.36
N MET B 430 7.89 7.30 10.52
CA MET B 430 7.67 8.71 10.83
C MET B 430 6.24 9.16 10.48
N SER B 431 5.61 8.50 9.49
CA SER B 431 4.17 8.61 9.29
C SER B 431 3.43 8.17 10.55
N GLN B 432 3.83 7.01 11.06
CA GLN B 432 3.19 6.45 12.25
C GLN B 432 3.33 7.42 13.44
N GLY B 433 4.54 7.90 13.72
CA GLY B 433 4.73 8.77 14.87
C GLY B 433 3.81 10.00 14.82
N GLN B 434 3.73 10.62 13.66
CA GLN B 434 2.87 11.77 13.45
C GLN B 434 1.41 11.37 13.68
N ARG B 435 0.95 10.25 13.09
CA ARG B 435 -0.41 9.77 13.31
CA ARG B 435 -0.42 9.81 13.31
C ARG B 435 -0.70 9.62 14.80
N TRP B 436 0.23 8.98 15.52
CA TRP B 436 0.04 8.72 16.95
C TRP B 436 -0.15 10.03 17.72
N ILE B 437 0.65 11.03 17.35
CA ILE B 437 0.68 12.29 18.07
C ILE B 437 -0.65 13.01 17.82
N GLU B 438 -1.00 13.15 16.53
CA GLU B 438 -2.25 13.75 16.10
C GLU B 438 -3.44 13.10 16.80
N LYS B 439 -3.44 11.77 16.96
CA LYS B 439 -4.55 11.11 17.60
C LYS B 439 -4.64 11.42 19.10
N ALA B 440 -3.50 11.73 19.73
CA ALA B 440 -3.41 12.08 21.15
C ALA B 440 -3.69 13.57 21.36
N GLY B 441 -3.67 14.36 20.29
CA GLY B 441 -4.09 15.76 20.33
C GLY B 441 -2.94 16.72 20.06
N GLY B 442 -1.75 16.18 19.78
CA GLY B 442 -0.64 17.01 19.34
C GLY B 442 -0.92 17.62 17.98
N ILE B 443 -0.34 18.81 17.75
CA ILE B 443 -0.45 19.49 16.47
C ILE B 443 0.94 19.44 15.85
N VAL B 444 1.09 18.62 14.80
CA VAL B 444 2.30 18.61 14.01
C VAL B 444 2.13 19.54 12.82
N ILE B 445 3.16 20.35 12.56
CA ILE B 445 3.11 21.43 11.59
C ILE B 445 4.26 21.23 10.61
N THR B 446 3.92 21.11 9.32
CA THR B 446 4.80 20.51 8.33
C THR B 446 5.01 21.47 7.17
N GLU B 447 6.27 21.89 6.95
CA GLU B 447 6.62 22.90 5.96
C GLU B 447 7.56 22.32 4.90
N GLY B 448 7.21 21.17 4.31
CA GLY B 448 8.04 20.56 3.30
C GLY B 448 7.40 19.33 2.68
N VAL B 451 9.22 15.02 6.43
CA VAL B 451 7.76 14.80 6.70
C VAL B 451 7.62 13.60 7.65
N GLY B 452 6.70 13.72 8.62
CA GLY B 452 6.54 12.75 9.70
C GLY B 452 7.25 13.16 10.99
N VAL B 453 7.05 12.37 12.07
CA VAL B 453 7.75 12.53 13.34
C VAL B 453 8.20 11.18 13.89
N GLU B 454 9.44 11.09 14.40
CA GLU B 454 9.95 9.87 14.99
C GLU B 454 9.61 9.84 16.47
N VAL B 455 8.75 8.90 16.88
CA VAL B 455 8.44 8.74 18.29
C VAL B 455 9.30 7.60 18.81
N SER B 456 10.14 7.93 19.80
CA SER B 456 10.98 6.89 20.39
C SER B 456 10.10 5.81 21.02
N PRO B 457 10.43 4.51 20.88
CA PRO B 457 9.72 3.46 21.59
C PRO B 457 9.71 3.60 23.11
N LEU B 458 10.73 4.27 23.70
CA LEU B 458 10.76 4.47 25.14
C LEU B 458 9.69 5.47 25.58
N ILE B 459 9.23 6.34 24.67
CA ILE B 459 8.09 7.22 24.88
C ILE B 459 6.78 6.45 24.63
N SER B 460 6.67 5.76 23.50
CA SER B 460 5.45 5.02 23.18
C SER B 460 5.78 3.74 22.41
N TYR B 461 5.35 2.59 22.92
CA TYR B 461 5.42 1.30 22.23
C TYR B 461 4.51 1.28 21.00
N GLY B 462 3.24 1.64 21.19
CA GLY B 462 2.24 1.44 20.15
C GLY B 462 1.22 2.55 20.07
N GLY B 463 1.60 3.75 20.50
CA GLY B 463 0.71 4.91 20.44
C GLY B 463 0.13 5.34 21.80
N GLU B 464 0.39 4.55 22.85
CA GLU B 464 -0.04 4.88 24.20
C GLU B 464 0.92 5.90 24.81
N GLY B 465 0.50 6.47 25.94
CA GLY B 465 1.34 7.34 26.75
C GLY B 465 1.69 8.66 26.06
N LEU B 466 0.88 9.15 25.11
CA LEU B 466 1.22 10.41 24.47
C LEU B 466 0.29 11.54 24.93
N GLU B 467 -0.54 11.30 25.96
CA GLU B 467 -1.54 12.27 26.39
C GLU B 467 -0.87 13.58 26.80
N PHE B 468 0.35 13.47 27.36
CA PHE B 468 1.15 14.62 27.75
C PHE B 468 1.40 15.57 26.57
N LEU B 469 1.08 15.15 25.33
CA LEU B 469 1.33 16.00 24.18
C LEU B 469 0.07 16.77 23.77
N LYS B 470 -1.07 16.49 24.42
CA LYS B 470 -2.35 17.07 24.02
C LYS B 470 -2.24 18.59 24.00
N GLY B 471 -2.44 19.21 22.83
CA GLY B 471 -2.44 20.65 22.70
C GLY B 471 -1.13 21.23 22.18
N ARG B 472 0.00 20.57 22.43
CA ARG B 472 1.31 21.16 22.12
C ARG B 472 1.56 21.16 20.61
N GLU B 473 2.52 21.98 20.15
CA GLU B 473 2.85 22.15 18.75
C GLU B 473 4.20 21.49 18.46
N ILE B 474 4.45 21.08 17.20
CA ILE B 474 5.64 20.31 16.83
C ILE B 474 6.00 20.59 15.36
N LYS B 475 7.25 21.01 15.10
CA LYS B 475 7.76 21.21 13.75
C LYS B 475 8.21 19.86 13.17
N ALA B 476 8.29 19.76 11.84
CA ALA B 476 8.51 18.48 11.17
C ALA B 476 9.44 18.63 9.96
N PRO B 477 10.48 17.77 9.75
CA PRO B 477 10.77 16.62 10.60
C PRO B 477 11.06 16.91 12.08
N ALA B 478 10.86 15.88 12.92
CA ALA B 478 11.13 15.98 14.35
C ALA B 478 11.44 14.59 14.93
N PHE B 479 11.85 14.59 16.21
CA PHE B 479 12.13 13.39 16.98
C PHE B 479 11.78 13.67 18.44
N ILE B 480 10.75 12.99 18.96
CA ILE B 480 10.40 13.04 20.37
C ILE B 480 11.10 11.88 21.08
N GLU B 481 11.91 12.22 22.09
CA GLU B 481 12.55 11.27 22.98
C GLU B 481 12.34 11.75 24.43
N LYS B 482 12.65 10.86 25.39
CA LYS B 482 12.89 11.24 26.77
C LYS B 482 14.04 12.27 26.81
C01 YRL C . 12.49 -9.67 -29.65
C02 YRL C . 12.75 -8.39 -30.21
C03 YRL C . 11.44 -10.42 -30.15
C04 YRL C . 11.95 -7.93 -31.29
C05 YRL C . 10.61 -9.97 -31.21
C06 YRL C . 10.90 -8.72 -31.79
O07 YRL C . 10.13 -8.27 -32.84
C08 YRL C . 13.15 -10.10 -28.52
C09 YRL C . 14.71 -9.96 -28.48
O10 YRL C . 15.10 -8.84 -27.60
C01 YRL D . -2.61 -8.69 -13.79
C02 YRL D . -2.64 -9.98 -13.32
C03 YRL D . -1.52 -7.85 -13.53
C04 YRL D . -1.58 -10.41 -12.54
C05 YRL D . -0.45 -8.33 -12.77
C06 YRL D . -0.48 -9.63 -12.29
O07 YRL D . 0.48 -10.18 -11.49
C08 YRL D . -3.69 -8.34 -14.53
C09 YRL D . -4.24 -6.99 -14.12
O10 YRL D . -5.57 -6.97 -14.60
C1 GN1 E . -8.82 18.41 -14.79
OP1 GN1 E . -5.63 18.98 -13.84
P GN1 E . -6.20 17.92 -14.76
OP2 GN1 E . -6.59 16.64 -13.97
OP3 GN1 E . -5.28 17.63 -15.97
C2 GN1 E . -9.86 18.36 -15.90
C3 GN1 E . -9.89 19.71 -16.61
C4 GN1 E . -10.31 20.75 -15.57
C5 GN1 E . -9.29 20.78 -14.43
C6 GN1 E . -9.74 21.66 -13.28
C8 GN1 E . -9.96 15.09 -17.84
O1 GN1 E . -7.55 18.55 -15.43
O3 GN1 E . -10.81 19.59 -17.70
O4 GN1 E . -10.45 22.05 -16.14
O5 GN1 E . -9.06 19.46 -13.85
N2 GN1 E . -9.68 17.25 -16.81
C7 GN1 E . -10.39 16.11 -16.81
O6 GN1 E . -8.77 21.69 -12.23
O7 GN1 E . -11.33 15.92 -16.03
C01 YRL F . -28.10 26.73 -10.18
C02 YRL F . -27.88 25.40 -10.50
C03 YRL F . -27.24 27.31 -9.26
C04 YRL F . -26.81 24.71 -9.95
C05 YRL F . -26.17 26.65 -8.70
C06 YRL F . -25.97 25.29 -9.04
O07 YRL F . -24.92 24.61 -8.49
C08 YRL F . -29.23 27.39 -10.74
C09 YRL F . -28.93 27.92 -12.13
O10 YRL F . -30.11 28.50 -12.68
P PO4 G . -1.15 15.87 -12.24
O1 PO4 G . -2.38 15.47 -11.41
O2 PO4 G . -0.45 17.08 -11.60
O3 PO4 G . -0.16 14.70 -12.28
O4 PO4 G . -1.59 16.23 -13.67
C01 YRL H . 37.48 -32.10 -10.32
C02 YRL H . 36.52 -33.12 -10.25
C03 YRL H . 38.63 -32.19 -9.49
C04 YRL H . 36.68 -34.20 -9.36
C05 YRL H . 38.81 -33.26 -8.60
C06 YRL H . 37.83 -34.25 -8.55
O07 YRL H . 37.98 -35.27 -7.70
C08 YRL H . 37.15 -31.07 -11.24
C09 YRL H . 38.39 -30.34 -11.79
O10 YRL H . 39.14 -29.70 -10.75
C01 YRL I . -3.61 -13.14 -10.78
C02 YRL I . -4.31 -12.19 -10.11
C03 YRL I . -4.06 -13.49 -12.08
C04 YRL I . -5.42 -11.59 -10.69
C05 YRL I . -5.18 -12.89 -12.69
C06 YRL I . -5.85 -11.90 -11.98
O07 YRL I . -6.96 -11.29 -12.50
C08 YRL I . -2.47 -13.65 -10.21
C09 YRL I . -2.54 -15.15 -9.94
O10 YRL I . -1.34 -15.60 -9.19
#